data_3E9Y
#
_entry.id   3E9Y
#
_cell.length_a   178.866
_cell.length_b   178.866
_cell.length_c   186.078
_cell.angle_alpha   90.00
_cell.angle_beta   90.00
_cell.angle_gamma   120.00
#
_symmetry.space_group_name_H-M   'P 64 2 2'
#
loop_
_entity.id
_entity.type
_entity.pdbx_description
1 polymer 'Acetolactate synthase, chloroplastic'
2 non-polymer N-[(4-methylpyrimidin-2-yl)carbamoyl]-2-nitrobenzenesulfonamide
3 non-polymer '2-[N-CYCLOHEXYLAMINO]ETHANE SULFONIC ACID'
4 non-polymer 'MAGNESIUM ION'
5 non-polymer '2-[(2E)-3-[(4-AMINO-2-METHYLPYRIMIDIN-5-YL)METHYL]-2-(1-HYDROXYETHYLIDENE)-4-METHYL-2,3-DIHYDRO-1,3-THIAZOL-5-YL]ETHYL TRIHYDROGEN DIPHOSPHATE'
6 non-polymer 'FLAVIN-ADENINE DINUCLEOTIDE-N5-ISOBUTYL KETONE'
7 water water
#
_entity_poly.entity_id   1
_entity_poly.type   'polypeptide(L)'
_entity_poly.pdbx_seq_one_letter_code
;FISRFAPDQPRKGADILVEALERQGVETVFAYPGGASMEIHQALTRSSSIRNVLPRHEQGGVFAAEGYARSSGKPGICIA
TSGPGATNLVSGLADALLDSVPLVAITGQVPRRMIGTDAFQETPIVEVTRSITKHNYLVMDVEDIPRIIEEAFFLATSGR
PGPVLVDVPKDIQQQLAIPNWEQAMRLPGYMSRMPKPPEDSHLEQIVRLISESKKPVLYVGGGCLNSSDELGRFVELTGI
PVATTLMGLGSYP(CSD)DDELSLHMLGMHGTVYANYAVEHSDLLLAFGVRFDDRVTGKLEAFASRAKIVHIDIDSAEIG
KNKTPHVSVCGDVKLALQGMNKVLENRAEELKLDFGVWRNELNVQKQKFPLSFKTFGEAIPPQYAIKVLDELTDGKAIIS
TGVGQHQMWAAQFYNYKKPRQWLSSGGLGAMGFGLPAAIGASVANPDAIVVDIDGDGSFIMNVQELATIRVENLPVKVLL
LNNQHLGMVMQWEDRFYKANRAHTFLGDPAQEDEIFPNMLLFAAACGIPAARVTKKADLREAIQTMLDTPGPYLLDVICP
HQEHVLPMIPSGGTFNDVITEGDGRIKY
;
_entity_poly.pdbx_strand_id   A
#
loop_
_chem_comp.id
_chem_comp.type
_chem_comp.name
_chem_comp.formula
1MS non-polymer N-[(4-methylpyrimidin-2-yl)carbamoyl]-2-nitrobenzenesulfonamide 'C12 H11 N5 O5 S'
FAB non-polymer 'FLAVIN-ADENINE DINUCLEOTIDE-N5-ISOBUTYL KETONE' 'C31 H39 N9 O16 P2'
MG non-polymer 'MAGNESIUM ION' 'Mg 2'
NHE non-polymer '2-[N-CYCLOHEXYLAMINO]ETHANE SULFONIC ACID' 'C8 H17 N O3 S'
TDM non-polymer '2-[(2E)-3-[(4-AMINO-2-METHYLPYRIMIDIN-5-YL)METHYL]-2-(1-HYDROXYETHYLIDENE)-4-METHYL-2,3-DIHYDRO-1,3-THIAZOL-5-YL]ETHYL TRIHYDROGEN DIPHOSPHATE' 'C14 H22 N4 O8 P2 S'
#
# COMPACT_ATOMS: atom_id res chain seq x y z
N PHE A 1 -23.82 12.78 18.94
CA PHE A 1 -24.24 11.68 18.03
C PHE A 1 -25.73 11.35 18.19
N ILE A 2 -26.46 11.40 17.09
CA ILE A 2 -27.87 11.05 17.10
C ILE A 2 -28.05 9.58 16.74
N SER A 3 -28.71 8.84 17.62
CA SER A 3 -29.05 7.42 17.38
C SER A 3 -30.37 7.30 16.60
N ARG A 4 -30.65 6.11 16.08
CA ARG A 4 -31.95 5.82 15.46
C ARG A 4 -32.85 5.04 16.43
N PHE A 5 -32.37 4.88 17.67
CA PHE A 5 -33.08 4.11 18.70
C PHE A 5 -33.16 4.88 20.02
N ALA A 6 -34.24 4.65 20.76
CA ALA A 6 -34.39 5.21 22.10
C ALA A 6 -33.37 4.59 23.06
N PRO A 7 -32.82 5.40 23.99
CA PRO A 7 -31.79 4.91 24.92
C PRO A 7 -32.22 3.71 25.77
N ASP A 8 -33.53 3.55 25.96
CA ASP A 8 -34.07 2.49 26.81
C ASP A 8 -34.66 1.32 26.00
N GLN A 9 -34.50 1.38 24.68
CA GLN A 9 -35.15 0.44 23.77
C GLN A 9 -34.21 -0.61 23.18
N PRO A 10 -34.54 -1.90 23.35
CA PRO A 10 -33.76 -3.01 22.81
C PRO A 10 -33.78 -3.07 21.28
N ARG A 11 -32.70 -3.60 20.70
CA ARG A 11 -32.60 -3.85 19.26
C ARG A 11 -31.62 -4.97 18.99
N LYS A 12 -31.60 -5.44 17.74
CA LYS A 12 -30.75 -6.54 17.31
C LYS A 12 -29.26 -6.24 17.44
N GLY A 13 -28.46 -7.29 17.65
CA GLY A 13 -27.01 -7.17 17.71
C GLY A 13 -26.44 -6.60 16.41
N ALA A 14 -27.06 -6.98 15.29
CA ALA A 14 -26.69 -6.46 13.99
C ALA A 14 -26.83 -4.94 13.94
N ASP A 15 -27.91 -4.43 14.53
CA ASP A 15 -28.16 -2.99 14.62
C ASP A 15 -27.20 -2.29 15.58
N ILE A 16 -26.76 -3.00 16.62
CA ILE A 16 -25.75 -2.43 17.52
C ILE A 16 -24.40 -2.26 16.82
N LEU A 17 -23.98 -3.31 16.09
CA LEU A 17 -22.71 -3.30 15.36
C LEU A 17 -22.63 -2.18 14.31
N VAL A 18 -23.72 -1.97 13.58
CA VAL A 18 -23.75 -0.89 12.60
C VAL A 18 -23.64 0.48 13.27
N GLU A 19 -24.37 0.69 14.37
CA GLU A 19 -24.28 1.94 15.11
C GLU A 19 -22.88 2.15 15.67
N ALA A 20 -22.27 1.06 16.14
CA ALA A 20 -20.89 1.07 16.60
C ALA A 20 -19.96 1.58 15.50
N LEU A 21 -20.25 1.21 14.25
CA LEU A 21 -19.47 1.70 13.11
C LEU A 21 -19.74 3.18 12.85
N GLU A 22 -21.00 3.58 12.89
CA GLU A 22 -21.39 4.98 12.72
C GLU A 22 -20.72 5.87 13.76
N ARG A 23 -20.63 5.36 14.98
CA ARG A 23 -20.02 6.07 16.10
C ARG A 23 -18.52 6.17 15.98
N GLN A 24 -17.94 5.39 15.07
CA GLN A 24 -16.50 5.44 14.80
C GLN A 24 -16.18 6.39 13.65
N GLY A 25 -17.21 6.86 12.96
CA GLY A 25 -17.06 7.77 11.82
C GLY A 25 -17.01 7.07 10.47
N VAL A 26 -17.38 5.79 10.46
CA VAL A 26 -17.43 4.99 9.22
C VAL A 26 -18.48 5.55 8.27
N GLU A 27 -18.09 5.74 7.02
CA GLU A 27 -19.00 6.25 5.98
C GLU A 27 -19.15 5.24 4.84
N THR A 28 -18.20 4.31 4.74
CA THR A 28 -18.21 3.32 3.68
C THR A 28 -17.78 1.95 4.18
N VAL A 29 -18.53 0.93 3.77
CA VAL A 29 -18.10 -0.45 3.96
C VAL A 29 -18.05 -1.12 2.60
N PHE A 30 -17.28 -2.19 2.52
CA PHE A 30 -17.25 -3.04 1.33
C PHE A 30 -17.72 -4.42 1.76
N ALA A 31 -18.98 -4.72 1.48
CA ALA A 31 -19.64 -5.91 2.04
C ALA A 31 -20.34 -6.77 0.99
N TYR A 32 -20.05 -8.07 1.04
CA TYR A 32 -20.69 -9.05 0.19
C TYR A 32 -21.56 -9.97 1.04
N PRO A 33 -22.86 -10.07 0.71
CA PRO A 33 -23.81 -10.75 1.61
C PRO A 33 -23.81 -12.27 1.49
N GLY A 34 -24.23 -12.92 2.57
CA GLY A 34 -24.38 -14.35 2.64
C GLY A 34 -25.21 -14.76 3.84
N GLY A 35 -25.47 -16.06 3.96
CA GLY A 35 -26.31 -16.60 5.02
C GLY A 35 -26.04 -16.07 6.41
N ALA A 36 -24.77 -16.12 6.81
CA ALA A 36 -24.36 -15.79 8.19
C ALA A 36 -24.16 -14.29 8.47
N SER A 37 -24.31 -13.46 7.44
CA SER A 37 -24.14 -12.02 7.60
C SER A 37 -25.33 -11.20 7.11
N MET A 38 -26.40 -11.89 6.72
CA MET A 38 -27.62 -11.23 6.24
C MET A 38 -28.11 -10.14 7.17
N GLU A 39 -28.17 -10.45 8.46
CA GLU A 39 -28.67 -9.54 9.48
C GLU A 39 -27.91 -8.20 9.49
N ILE A 40 -26.58 -8.28 9.36
CA ILE A 40 -25.72 -7.11 9.27
C ILE A 40 -26.07 -6.28 8.02
N HIS A 41 -26.27 -6.97 6.90
CA HIS A 41 -26.66 -6.31 5.65
C HIS A 41 -28.07 -5.69 5.74
N GLN A 42 -28.94 -6.31 6.52
CA GLN A 42 -30.26 -5.77 6.76
C GLN A 42 -30.17 -4.50 7.62
N ALA A 43 -29.34 -4.56 8.66
CA ALA A 43 -29.09 -3.41 9.53
C ALA A 43 -28.42 -2.28 8.74
N LEU A 44 -27.53 -2.64 7.83
CA LEU A 44 -26.86 -1.69 6.93
C LEU A 44 -27.82 -0.84 6.10
N THR A 45 -28.86 -1.47 5.55
CA THR A 45 -29.82 -0.74 4.71
C THR A 45 -30.56 0.33 5.50
N ARG A 46 -30.76 0.10 6.80
CA ARG A 46 -31.47 1.08 7.60
C ARG A 46 -30.56 2.16 8.23
N SER A 47 -29.29 2.15 7.82
CA SER A 47 -28.36 3.25 8.14
C SER A 47 -28.41 4.25 7.01
N SER A 48 -28.37 5.54 7.35
CA SER A 48 -28.38 6.58 6.34
C SER A 48 -27.00 7.19 6.05
N SER A 49 -26.03 6.94 6.93
CA SER A 49 -24.71 7.55 6.79
C SER A 49 -23.63 6.64 6.20
N ILE A 50 -23.81 5.32 6.34
CA ILE A 50 -22.85 4.35 5.79
C ILE A 50 -23.34 3.85 4.44
N ARG A 51 -22.54 4.03 3.40
CA ARG A 51 -22.86 3.40 2.12
C ARG A 51 -22.08 2.11 1.95
N ASN A 52 -22.70 1.14 1.27
CA ASN A 52 -22.08 -0.13 0.98
C ASN A 52 -21.73 -0.21 -0.48
N VAL A 53 -20.46 -0.48 -0.76
CA VAL A 53 -20.04 -0.77 -2.11
C VAL A 53 -19.92 -2.29 -2.22
N LEU A 54 -20.81 -2.88 -3.01
CA LEU A 54 -20.83 -4.32 -3.23
C LEU A 54 -19.80 -4.75 -4.29
N PRO A 55 -18.79 -5.54 -3.89
CA PRO A 55 -17.83 -6.09 -4.85
C PRO A 55 -18.41 -7.34 -5.52
N ARG A 56 -17.65 -7.97 -6.42
CA ARG A 56 -18.16 -9.16 -7.10
C ARG A 56 -17.50 -10.43 -6.57
N HIS A 57 -16.42 -10.22 -5.82
CA HIS A 57 -15.69 -11.27 -5.12
C HIS A 57 -15.10 -10.56 -3.90
N GLU A 58 -15.10 -11.25 -2.76
CA GLU A 58 -14.71 -10.62 -1.49
C GLU A 58 -13.23 -10.28 -1.35
N GLN A 59 -12.38 -10.88 -2.19
CA GLN A 59 -10.99 -10.45 -2.28
C GLN A 59 -10.92 -9.04 -2.89
N GLY A 60 -11.85 -8.76 -3.80
CA GLY A 60 -12.09 -7.41 -4.29
C GLY A 60 -12.48 -6.53 -3.13
N GLY A 61 -13.43 -7.01 -2.33
CA GLY A 61 -13.85 -6.31 -1.10
C GLY A 61 -12.70 -5.85 -0.22
N VAL A 62 -11.80 -6.76 0.13
CA VAL A 62 -10.68 -6.44 1.03
C VAL A 62 -9.72 -5.47 0.38
N PHE A 63 -9.27 -5.76 -0.84
CA PHE A 63 -8.35 -4.87 -1.54
C PHE A 63 -8.96 -3.48 -1.77
N ALA A 64 -10.27 -3.43 -1.96
CA ALA A 64 -10.98 -2.16 -2.03
C ALA A 64 -10.91 -1.39 -0.72
N ALA A 65 -11.05 -2.10 0.40
CA ALA A 65 -10.93 -1.49 1.72
C ALA A 65 -9.50 -1.01 1.97
N GLU A 66 -8.54 -1.73 1.42
CA GLU A 66 -7.13 -1.34 1.50
C GLU A 66 -6.87 -0.08 0.69
N GLY A 67 -7.43 -0.03 -0.51
CA GLY A 67 -7.33 1.17 -1.36
C GLY A 67 -7.87 2.36 -0.61
N TYR A 68 -9.07 2.19 -0.05
CA TYR A 68 -9.73 3.18 0.78
C TYR A 68 -8.80 3.65 1.90
N ALA A 69 -8.23 2.69 2.63
CA ALA A 69 -7.39 2.99 3.77
C ALA A 69 -6.08 3.67 3.37
N ARG A 70 -5.40 3.12 2.38
CA ARG A 70 -4.09 3.61 1.93
C ARG A 70 -4.13 5.02 1.34
N SER A 71 -5.26 5.40 0.74
CA SER A 71 -5.37 6.65 0.01
C SER A 71 -6.00 7.77 0.83
N SER A 72 -6.18 7.55 2.13
CA SER A 72 -6.92 8.50 2.98
C SER A 72 -6.38 8.63 4.40
N GLY A 73 -5.78 7.57 4.91
CA GLY A 73 -5.31 7.55 6.30
C GLY A 73 -6.38 7.08 7.28
N LYS A 74 -7.62 6.94 6.78
CA LYS A 74 -8.72 6.36 7.56
C LYS A 74 -8.62 4.83 7.51
N PRO A 75 -9.27 4.11 8.45
CA PRO A 75 -9.27 2.65 8.34
C PRO A 75 -10.28 2.15 7.30
N GLY A 76 -9.92 1.09 6.58
CA GLY A 76 -10.82 0.48 5.61
C GLY A 76 -11.63 -0.62 6.26
N ILE A 77 -12.93 -0.66 5.97
CA ILE A 77 -13.84 -1.64 6.56
C ILE A 77 -14.43 -2.56 5.49
N CYS A 78 -14.33 -3.87 5.72
CA CYS A 78 -14.99 -4.85 4.85
C CYS A 78 -15.77 -5.89 5.67
N ILE A 79 -16.86 -6.40 5.10
CA ILE A 79 -17.71 -7.38 5.76
C ILE A 79 -17.96 -8.57 4.85
N ALA A 80 -17.98 -9.77 5.44
CA ALA A 80 -18.18 -11.01 4.70
C ALA A 80 -19.00 -12.02 5.49
N THR A 81 -19.61 -12.96 4.78
CA THR A 81 -20.31 -14.06 5.44
C THR A 81 -19.34 -15.09 6.02
N SER A 82 -19.86 -16.12 6.66
CA SER A 82 -19.05 -17.22 7.19
C SER A 82 -18.43 -18.04 6.07
N GLY A 83 -17.59 -18.99 6.46
CA GLY A 83 -17.02 -19.97 5.53
C GLY A 83 -16.31 -19.38 4.34
N PRO A 84 -16.85 -19.61 3.13
CA PRO A 84 -16.18 -19.20 1.90
C PRO A 84 -16.04 -17.68 1.80
N GLY A 85 -17.02 -16.95 2.34
CA GLY A 85 -16.93 -15.49 2.40
C GLY A 85 -15.71 -15.08 3.19
N ALA A 86 -15.59 -15.63 4.39
CA ALA A 86 -14.50 -15.31 5.30
C ALA A 86 -13.12 -15.68 4.74
N THR A 87 -12.96 -16.89 4.23
CA THR A 87 -11.67 -17.34 3.71
C THR A 87 -11.19 -16.52 2.50
N ASN A 88 -12.12 -15.96 1.74
CA ASN A 88 -11.76 -15.14 0.60
C ASN A 88 -11.14 -13.79 0.97
N LEU A 89 -11.22 -13.44 2.25
CA LEU A 89 -10.59 -12.22 2.76
C LEU A 89 -9.10 -12.39 3.05
N VAL A 90 -8.68 -13.65 3.16
CA VAL A 90 -7.38 -14.00 3.75
C VAL A 90 -6.16 -13.27 3.14
N SER A 91 -6.11 -13.20 1.81
CA SER A 91 -5.00 -12.51 1.14
C SER A 91 -4.94 -11.02 1.47
N GLY A 92 -6.10 -10.40 1.62
CA GLY A 92 -6.18 -8.99 1.95
C GLY A 92 -5.66 -8.68 3.34
N LEU A 93 -6.04 -9.53 4.30
CA LEU A 93 -5.57 -9.38 5.67
C LEU A 93 -4.06 -9.53 5.74
N ALA A 94 -3.54 -10.61 5.16
CA ALA A 94 -2.10 -10.84 5.13
C ALA A 94 -1.39 -9.66 4.48
N ASP A 95 -2.00 -9.11 3.43
CA ASP A 95 -1.45 -7.94 2.73
C ASP A 95 -1.42 -6.73 3.64
N ALA A 96 -2.53 -6.48 4.33
CA ALA A 96 -2.67 -5.33 5.22
C ALA A 96 -1.71 -5.38 6.42
N LEU A 97 -1.44 -6.59 6.92
CA LEU A 97 -0.52 -6.73 8.05
C LEU A 97 0.90 -6.41 7.65
N LEU A 98 1.34 -6.95 6.52
CA LEU A 98 2.72 -6.79 6.07
C LEU A 98 3.06 -5.36 5.67
N ASP A 99 2.05 -4.63 5.21
CA ASP A 99 2.23 -3.25 4.77
C ASP A 99 1.77 -2.22 5.80
N SER A 100 1.32 -2.72 6.95
CA SER A 100 0.84 -1.89 8.06
C SER A 100 -0.34 -0.99 7.65
N VAL A 101 -1.38 -1.62 7.10
CA VAL A 101 -2.57 -0.92 6.65
C VAL A 101 -3.72 -1.08 7.66
N PRO A 102 -4.27 0.04 8.18
CA PRO A 102 -5.40 -0.05 9.12
C PRO A 102 -6.65 -0.62 8.46
N LEU A 103 -7.11 -1.77 8.97
CA LEU A 103 -8.26 -2.44 8.40
C LEU A 103 -9.12 -3.09 9.48
N VAL A 104 -10.43 -2.95 9.38
CA VAL A 104 -11.35 -3.71 10.24
C VAL A 104 -12.19 -4.64 9.38
N ALA A 105 -12.04 -5.95 9.61
CA ALA A 105 -12.81 -6.96 8.88
C ALA A 105 -13.85 -7.58 9.80
N ILE A 106 -15.10 -7.56 9.36
CA ILE A 106 -16.18 -8.20 10.11
C ILE A 106 -16.71 -9.40 9.32
N THR A 107 -16.77 -10.55 9.97
CA THR A 107 -17.33 -11.74 9.35
C THR A 107 -18.46 -12.30 10.17
N GLY A 108 -19.53 -12.70 9.50
CA GLY A 108 -20.57 -13.50 10.11
C GLY A 108 -20.01 -14.89 10.43
N GLN A 109 -20.65 -15.57 11.36
CA GLN A 109 -20.26 -16.91 11.76
C GLN A 109 -21.51 -17.70 12.06
N VAL A 110 -21.40 -19.03 12.02
CA VAL A 110 -22.49 -19.92 12.43
C VAL A 110 -22.91 -19.59 13.88
N PRO A 111 -24.16 -19.93 14.26
CA PRO A 111 -24.58 -19.68 15.64
C PRO A 111 -23.68 -20.39 16.65
N ARG A 112 -23.45 -19.74 17.79
CA ARG A 112 -22.47 -20.18 18.80
C ARG A 112 -22.56 -21.64 19.16
N ARG A 113 -23.80 -22.12 19.30
CA ARG A 113 -24.06 -23.50 19.71
CA ARG A 113 -24.15 -23.49 19.65
C ARG A 113 -23.56 -24.52 18.69
N MET A 114 -23.12 -24.05 17.52
CA MET A 114 -22.64 -24.93 16.46
C MET A 114 -21.17 -24.75 16.09
N ILE A 115 -20.49 -23.83 16.76
CA ILE A 115 -19.08 -23.60 16.52
C ILE A 115 -18.32 -24.86 16.91
N GLY A 116 -17.60 -25.45 15.96
CA GLY A 116 -16.81 -26.66 16.19
C GLY A 116 -17.44 -27.95 15.67
N THR A 117 -18.65 -27.85 15.10
CA THR A 117 -19.38 -29.03 14.64
C THR A 117 -19.28 -29.25 13.12
N ASP A 118 -18.42 -28.48 12.46
CA ASP A 118 -18.31 -28.45 10.99
C ASP A 118 -19.67 -28.18 10.35
N ALA A 119 -20.36 -27.16 10.86
CA ALA A 119 -21.70 -26.79 10.39
C ALA A 119 -21.67 -26.21 8.98
N PHE A 120 -22.85 -25.96 8.43
CA PHE A 120 -22.99 -25.37 7.09
C PHE A 120 -22.23 -24.05 7.01
N GLN A 121 -21.27 -24.01 6.10
CA GLN A 121 -20.41 -22.84 5.87
C GLN A 121 -19.64 -22.41 7.13
N GLU A 122 -19.09 -23.39 7.85
CA GLU A 122 -18.30 -23.07 9.03
C GLU A 122 -16.81 -23.15 8.73
N THR A 123 -16.08 -22.16 9.21
CA THR A 123 -14.64 -22.13 9.14
C THR A 123 -14.13 -21.50 10.42
N PRO A 124 -13.13 -22.12 11.07
CA PRO A 124 -12.56 -21.50 12.26
C PRO A 124 -11.69 -20.32 11.83
N ILE A 125 -12.34 -19.21 11.50
CA ILE A 125 -11.65 -18.06 10.90
C ILE A 125 -10.71 -17.37 11.88
N VAL A 126 -11.09 -17.38 13.16
CA VAL A 126 -10.27 -16.80 14.23
C VAL A 126 -8.94 -17.57 14.30
N GLU A 127 -9.04 -18.89 14.19
CA GLU A 127 -7.88 -19.77 14.16
C GLU A 127 -7.00 -19.49 12.94
N VAL A 128 -7.63 -19.49 11.76
CA VAL A 128 -6.96 -19.28 10.48
C VAL A 128 -6.20 -17.95 10.41
N THR A 129 -6.86 -16.87 10.81
CA THR A 129 -6.32 -15.53 10.63
C THR A 129 -5.43 -15.02 11.78
N ARG A 130 -5.22 -15.85 12.80
CA ARG A 130 -4.47 -15.43 13.99
C ARG A 130 -3.04 -14.94 13.66
N SER A 131 -2.35 -15.64 12.77
CA SER A 131 -0.98 -15.30 12.42
C SER A 131 -0.86 -14.24 11.33
N ILE A 132 -1.99 -13.80 10.77
CA ILE A 132 -2.00 -12.86 9.66
C ILE A 132 -2.84 -11.58 9.91
N THR A 133 -3.18 -11.35 11.17
CA THR A 133 -3.85 -10.10 11.55
C THR A 133 -3.13 -9.52 12.77
N LYS A 134 -3.31 -8.23 13.02
CA LYS A 134 -2.76 -7.60 14.22
C LYS A 134 -3.39 -8.18 15.46
N HIS A 135 -4.70 -8.41 15.39
CA HIS A 135 -5.48 -9.01 16.46
C HIS A 135 -6.81 -9.48 15.87
N ASN A 136 -7.50 -10.38 16.55
CA ASN A 136 -8.86 -10.74 16.15
C ASN A 136 -9.75 -11.11 17.34
N TYR A 137 -11.04 -11.27 17.07
CA TYR A 137 -12.03 -11.48 18.11
C TYR A 137 -13.11 -12.44 17.67
N LEU A 138 -13.52 -13.31 18.59
CA LEU A 138 -14.80 -14.00 18.45
C LEU A 138 -15.76 -13.41 19.47
N VAL A 139 -16.85 -12.84 18.98
CA VAL A 139 -17.87 -12.23 19.84
C VAL A 139 -18.75 -13.32 20.40
N MET A 140 -18.78 -13.45 21.73
CA MET A 140 -19.54 -14.52 22.37
C MET A 140 -20.77 -14.02 23.12
N ASP A 141 -20.99 -12.71 23.07
CA ASP A 141 -22.14 -12.08 23.71
C ASP A 141 -22.44 -10.75 23.04
N VAL A 142 -23.73 -10.49 22.83
CA VAL A 142 -24.20 -9.21 22.28
C VAL A 142 -23.79 -8.00 23.14
N GLU A 143 -23.61 -8.23 24.45
CA GLU A 143 -23.14 -7.21 25.39
C GLU A 143 -21.74 -6.68 25.04
N ASP A 144 -20.95 -7.49 24.34
CA ASP A 144 -19.56 -7.17 24.05
C ASP A 144 -19.33 -6.37 22.77
N ILE A 145 -20.38 -6.17 21.97
CA ILE A 145 -20.20 -5.57 20.64
C ILE A 145 -19.66 -4.13 20.67
N PRO A 146 -20.28 -3.23 21.47
CA PRO A 146 -19.72 -1.89 21.61
C PRO A 146 -18.25 -1.89 22.00
N ARG A 147 -17.85 -2.68 23.00
CA ARG A 147 -16.47 -2.72 23.46
C ARG A 147 -15.50 -3.29 22.42
N ILE A 148 -15.90 -4.36 21.74
CA ILE A 148 -15.01 -5.03 20.79
C ILE A 148 -14.73 -4.17 19.54
N ILE A 149 -15.77 -3.53 19.01
CA ILE A 149 -15.63 -2.66 17.86
C ILE A 149 -14.71 -1.48 18.18
N GLU A 150 -14.92 -0.86 19.33
CA GLU A 150 -14.08 0.25 19.78
C GLU A 150 -12.61 -0.18 19.90
N GLU A 151 -12.39 -1.34 20.51
CA GLU A 151 -11.07 -1.95 20.61
C GLU A 151 -10.49 -2.26 19.23
N ALA A 152 -11.33 -2.78 18.33
CA ALA A 152 -10.90 -3.17 17.00
C ALA A 152 -10.38 -1.97 16.21
N PHE A 153 -11.13 -0.88 16.21
CA PHE A 153 -10.73 0.33 15.52
C PHE A 153 -9.55 1.01 16.19
N PHE A 154 -9.48 0.94 17.51
CA PHE A 154 -8.36 1.53 18.21
C PHE A 154 -7.07 0.80 17.84
N LEU A 155 -7.08 -0.52 17.98
CA LEU A 155 -5.91 -1.36 17.69
C LEU A 155 -5.49 -1.25 16.23
N ALA A 156 -6.47 -1.17 15.33
CA ALA A 156 -6.22 -1.11 13.90
C ALA A 156 -5.52 0.19 13.47
N THR A 157 -5.76 1.27 14.20
CA THR A 157 -5.27 2.59 13.79
C THR A 157 -4.13 3.14 14.65
N SER A 158 -4.06 2.69 15.90
CA SER A 158 -3.02 3.15 16.82
C SER A 158 -1.73 2.39 16.58
N GLY A 159 -0.65 2.86 17.19
CA GLY A 159 0.69 2.26 17.07
C GLY A 159 1.07 2.03 15.62
N ARG A 160 1.58 0.83 15.35
CA ARG A 160 1.79 0.37 13.99
C ARG A 160 0.45 -0.15 13.47
N PRO A 161 -0.16 0.55 12.50
CA PRO A 161 -1.48 0.18 12.00
C PRO A 161 -1.51 -1.21 11.39
N GLY A 162 -2.69 -1.85 11.37
CA GLY A 162 -2.82 -3.23 10.90
C GLY A 162 -4.26 -3.72 10.83
N PRO A 163 -4.47 -4.95 10.31
CA PRO A 163 -5.81 -5.51 10.20
C PRO A 163 -6.31 -6.15 11.49
N VAL A 164 -7.58 -5.92 11.80
CA VAL A 164 -8.24 -6.56 12.93
C VAL A 164 -9.55 -7.19 12.45
N LEU A 165 -9.76 -8.45 12.80
CA LEU A 165 -10.94 -9.18 12.36
C LEU A 165 -11.88 -9.46 13.53
N VAL A 166 -13.17 -9.23 13.30
CA VAL A 166 -14.20 -9.49 14.30
C VAL A 166 -15.21 -10.49 13.76
N ASP A 167 -15.23 -11.67 14.38
CA ASP A 167 -16.14 -12.75 13.98
C ASP A 167 -17.43 -12.71 14.80
N VAL A 168 -18.57 -12.65 14.12
CA VAL A 168 -19.86 -12.41 14.76
C VAL A 168 -20.88 -13.50 14.44
N PRO A 169 -21.16 -14.39 15.41
CA PRO A 169 -22.13 -15.48 15.28
C PRO A 169 -23.55 -15.01 15.02
N LYS A 170 -24.26 -15.73 14.15
CA LYS A 170 -25.59 -15.34 13.68
C LYS A 170 -26.58 -15.06 14.80
N ASP A 171 -26.58 -15.91 15.83
CA ASP A 171 -27.50 -15.74 16.97
C ASP A 171 -27.23 -14.47 17.76
N ILE A 172 -25.99 -14.01 17.77
CA ILE A 172 -25.62 -12.75 18.42
C ILE A 172 -26.18 -11.56 17.64
N GLN A 173 -26.19 -11.68 16.31
CA GLN A 173 -26.76 -10.66 15.44
C GLN A 173 -28.26 -10.51 15.65
N GLN A 174 -28.91 -11.59 16.07
CA GLN A 174 -30.37 -11.61 16.26
C GLN A 174 -30.82 -11.26 17.67
N GLN A 175 -29.96 -11.49 18.65
CA GLN A 175 -30.28 -11.24 20.05
C GLN A 175 -30.59 -9.77 20.31
N LEU A 176 -31.73 -9.48 20.93
CA LEU A 176 -32.11 -8.12 21.27
C LEU A 176 -31.40 -7.67 22.54
N ALA A 177 -30.89 -6.44 22.53
CA ALA A 177 -30.21 -5.87 23.71
C ALA A 177 -30.19 -4.34 23.69
N ILE A 178 -29.85 -3.76 24.84
CA ILE A 178 -29.62 -2.32 24.97
C ILE A 178 -28.12 -2.11 25.09
N PRO A 179 -27.51 -1.46 24.09
CA PRO A 179 -26.06 -1.26 24.10
C PRO A 179 -25.60 -0.22 25.12
N ASN A 180 -24.42 -0.43 25.69
CA ASN A 180 -23.80 0.53 26.57
C ASN A 180 -22.52 1.04 25.93
N TRP A 181 -22.48 2.35 25.69
CA TRP A 181 -21.41 2.96 24.89
C TRP A 181 -20.26 3.56 25.71
N GLU A 182 -20.28 3.39 27.03
CA GLU A 182 -19.26 4.01 27.87
CA GLU A 182 -19.34 4.01 27.96
C GLU A 182 -18.33 3.01 28.56
N GLN A 183 -18.29 1.79 28.03
CA GLN A 183 -17.39 0.75 28.56
C GLN A 183 -15.91 1.06 28.34
N ALA A 184 -15.10 0.73 29.33
CA ALA A 184 -13.65 0.86 29.22
C ALA A 184 -13.09 -0.26 28.35
N MET A 185 -12.12 0.08 27.50
CA MET A 185 -11.44 -0.91 26.67
C MET A 185 -10.54 -1.80 27.51
N ARG A 186 -10.60 -3.10 27.25
CA ARG A 186 -9.79 -4.07 27.97
C ARG A 186 -8.45 -4.31 27.29
N LEU A 187 -7.67 -3.25 27.13
CA LEU A 187 -6.36 -3.37 26.49
C LEU A 187 -5.23 -2.85 27.38
N PRO A 188 -5.16 -3.32 28.66
CA PRO A 188 -4.19 -2.72 29.58
C PRO A 188 -2.74 -2.91 29.17
N GLY A 189 -2.41 -4.06 28.61
CA GLY A 189 -1.04 -4.36 28.19
C GLY A 189 -0.59 -3.52 27.02
N TYR A 190 -1.39 -3.56 25.95
CA TYR A 190 -1.13 -2.81 24.73
C TYR A 190 -1.01 -1.30 25.00
N MET A 191 -1.88 -0.81 25.86
CA MET A 191 -1.98 0.61 26.18
C MET A 191 -0.82 1.11 27.04
N SER A 192 -0.26 0.20 27.85
CA SER A 192 0.85 0.55 28.73
C SER A 192 2.18 0.69 27.98
N ARG A 193 2.30 0.00 26.85
CA ARG A 193 3.52 0.08 26.06
C ARG A 193 3.36 0.87 24.75
N MET A 194 2.34 1.72 24.70
CA MET A 194 2.20 2.69 23.62
C MET A 194 3.25 3.77 23.81
N PRO A 195 4.08 4.00 22.76
CA PRO A 195 5.27 4.85 22.88
C PRO A 195 4.97 6.28 23.32
N LYS A 196 5.85 6.81 24.15
CA LYS A 196 5.73 8.14 24.72
C LYS A 196 6.29 9.17 23.72
N PRO A 197 5.97 10.47 23.91
CA PRO A 197 6.62 11.48 23.08
C PRO A 197 8.13 11.42 23.26
N PRO A 198 8.91 11.67 22.19
CA PRO A 198 10.36 11.57 22.33
C PRO A 198 10.93 12.76 23.10
N GLU A 199 11.77 12.49 24.08
CA GLU A 199 12.39 13.58 24.83
C GLU A 199 13.72 14.01 24.22
N ASP A 200 14.11 15.25 24.50
CA ASP A 200 15.22 15.93 23.82
C ASP A 200 16.60 15.30 24.03
N SER A 201 16.75 14.55 25.12
CA SER A 201 17.94 13.75 25.38
C SER A 201 18.33 12.94 24.13
N HIS A 202 17.38 12.19 23.59
CA HIS A 202 17.61 11.38 22.39
C HIS A 202 17.78 12.24 21.13
N LEU A 203 16.93 13.26 21.00
CA LEU A 203 16.83 14.05 19.76
C LEU A 203 18.04 14.96 19.51
N GLU A 204 18.59 15.54 20.57
CA GLU A 204 19.80 16.35 20.46
C GLU A 204 21.03 15.51 20.13
N GLN A 205 21.02 14.24 20.55
CA GLN A 205 22.09 13.30 20.21
C GLN A 205 22.11 12.98 18.72
N ILE A 206 20.94 13.03 18.08
CA ILE A 206 20.83 12.81 16.64
C ILE A 206 21.33 14.03 15.87
N VAL A 207 20.87 15.22 16.26
CA VAL A 207 21.33 16.47 15.65
C VAL A 207 22.86 16.62 15.81
N ARG A 208 23.36 16.20 16.97
CA ARG A 208 24.80 16.10 17.22
C ARG A 208 25.51 15.23 16.17
N LEU A 209 24.91 14.08 15.86
CA LEU A 209 25.47 13.15 14.87
C LEU A 209 25.42 13.68 13.45
N ILE A 210 24.36 14.44 13.14
CA ILE A 210 24.21 15.05 11.82
C ILE A 210 25.35 16.03 11.58
N SER A 211 25.57 16.93 12.53
CA SER A 211 26.62 17.94 12.45
C SER A 211 28.03 17.36 12.41
N GLU A 212 28.18 16.15 12.93
CA GLU A 212 29.48 15.47 12.94
C GLU A 212 29.74 14.65 11.67
N SER A 213 28.70 14.36 10.91
CA SER A 213 28.82 13.54 9.69
C SER A 213 29.16 14.36 8.44
N LYS A 214 29.81 13.70 7.50
CA LYS A 214 30.15 14.31 6.21
C LYS A 214 29.25 13.79 5.08
N LYS A 215 28.76 12.55 5.22
CA LYS A 215 27.98 11.89 4.17
C LYS A 215 26.66 11.29 4.71
N PRO A 216 25.70 12.16 5.08
CA PRO A 216 24.42 11.66 5.62
C PRO A 216 23.39 11.28 4.55
N VAL A 217 22.55 10.29 4.87
CA VAL A 217 21.45 9.87 3.98
C VAL A 217 20.16 9.64 4.77
N LEU A 218 19.05 10.12 4.22
CA LEU A 218 17.72 9.80 4.74
C LEU A 218 17.15 8.55 4.05
N TYR A 219 16.98 7.50 4.84
CA TYR A 219 16.37 6.25 4.40
C TYR A 219 14.94 6.25 4.93
N VAL A 220 14.00 6.56 4.05
CA VAL A 220 12.63 6.92 4.43
C VAL A 220 11.61 5.92 3.88
N GLY A 221 10.65 5.52 4.71
CA GLY A 221 9.67 4.52 4.32
C GLY A 221 8.22 4.80 4.67
N GLY A 222 7.43 3.72 4.71
CA GLY A 222 5.99 3.80 4.94
C GLY A 222 5.57 4.37 6.28
N GLY A 223 6.51 4.45 7.22
CA GLY A 223 6.26 5.08 8.50
C GLY A 223 6.07 6.59 8.43
N CYS A 224 6.50 7.19 7.32
CA CYS A 224 6.49 8.64 7.16
C CYS A 224 5.28 9.19 6.42
N LEU A 225 4.29 8.36 6.16
CA LEU A 225 3.11 8.74 5.37
C LEU A 225 2.34 9.94 5.91
N ASN A 226 2.45 10.17 7.21
CA ASN A 226 1.75 11.28 7.85
C ASN A 226 2.69 12.42 8.26
N SER A 227 3.93 12.36 7.81
CA SER A 227 4.95 13.33 8.21
C SER A 227 5.59 14.00 7.01
N SER A 228 4.82 14.31 5.99
CA SER A 228 5.39 14.92 4.77
C SER A 228 5.85 16.36 5.00
N ASP A 229 5.04 17.15 5.72
CA ASP A 229 5.41 18.51 6.12
C ASP A 229 6.67 18.52 7.00
N GLU A 230 6.66 17.68 8.03
CA GLU A 230 7.76 17.59 9.00
C GLU A 230 9.08 17.19 8.34
N LEU A 231 9.01 16.20 7.46
CA LEU A 231 10.18 15.71 6.73
C LEU A 231 10.65 16.77 5.74
N GLY A 232 9.69 17.48 5.13
CA GLY A 232 9.97 18.59 4.23
C GLY A 232 10.81 19.64 4.92
N ARG A 233 10.32 20.13 6.06
CA ARG A 233 11.03 21.10 6.89
C ARG A 233 12.39 20.58 7.37
N PHE A 234 12.46 19.29 7.72
CA PHE A 234 13.69 18.65 8.18
C PHE A 234 14.78 18.72 7.12
N VAL A 235 14.41 18.45 5.87
CA VAL A 235 15.34 18.50 4.75
C VAL A 235 15.84 19.94 4.50
N GLU A 236 14.92 20.91 4.48
CA GLU A 236 15.30 22.29 4.21
C GLU A 236 16.16 22.92 5.30
N LEU A 237 16.27 22.25 6.45
CA LEU A 237 17.11 22.71 7.55
C LEU A 237 18.45 21.96 7.64
N THR A 238 18.57 20.87 6.87
CA THR A 238 19.77 20.04 6.91
C THR A 238 20.43 19.88 5.55
N GLY A 239 19.61 19.76 4.51
CA GLY A 239 20.11 19.53 3.17
C GLY A 239 20.61 18.10 2.98
N ILE A 240 20.02 17.17 3.72
CA ILE A 240 20.35 15.74 3.61
C ILE A 240 19.49 15.08 2.52
N PRO A 241 20.14 14.39 1.55
CA PRO A 241 19.42 13.73 0.46
C PRO A 241 18.51 12.60 0.94
N VAL A 242 17.46 12.30 0.17
CA VAL A 242 16.41 11.37 0.58
C VAL A 242 16.23 10.16 -0.36
N ALA A 243 16.66 9.00 0.10
CA ALA A 243 16.31 7.73 -0.56
C ALA A 243 15.00 7.23 0.04
N THR A 244 14.26 6.42 -0.72
CA THR A 244 12.93 5.98 -0.28
C THR A 244 12.68 4.50 -0.54
N THR A 245 11.91 3.86 0.34
CA THR A 245 11.44 2.51 0.09
C THR A 245 10.24 2.60 -0.81
N LEU A 246 9.87 1.48 -1.43
CA LEU A 246 8.68 1.44 -2.29
C LEU A 246 7.43 1.91 -1.54
N MET A 247 7.32 1.53 -0.27
CA MET A 247 6.16 1.89 0.55
C MET A 247 6.16 3.37 0.94
N GLY A 248 7.30 4.04 0.82
CA GLY A 248 7.44 5.42 1.27
C GLY A 248 7.39 6.49 0.20
N LEU A 249 7.22 6.09 -1.06
CA LEU A 249 7.20 7.03 -2.19
C LEU A 249 6.26 8.19 -1.93
N GLY A 250 6.73 9.40 -2.18
CA GLY A 250 5.90 10.58 -2.05
C GLY A 250 6.00 11.31 -0.72
N SER A 251 6.56 10.65 0.29
CA SER A 251 6.83 11.28 1.57
C SER A 251 7.66 12.55 1.33
N TYR A 252 8.74 12.39 0.56
CA TYR A 252 9.48 13.51 0.02
C TYR A 252 9.29 13.54 -1.51
N PRO A 253 8.92 14.72 -2.06
CA PRO A 253 8.59 14.84 -3.50
C PRO A 253 9.68 14.29 -4.42
N CSD A 254 9.30 13.32 -5.25
CA CSD A 254 10.24 12.65 -6.15
CB CSD A 254 9.57 11.50 -6.91
SG CSD A 254 9.39 10.06 -6.05
C CSD A 254 10.88 13.59 -7.14
O CSD A 254 12.01 13.36 -7.59
OD1 CSD A 254 8.20 10.15 -5.23
OD2 CSD A 254 10.54 9.75 -5.23
N ASP A 255 10.18 14.68 -7.46
CA ASP A 255 10.66 15.68 -8.44
C ASP A 255 11.36 16.88 -7.79
N ASP A 256 12.21 16.60 -6.80
CA ASP A 256 13.00 17.62 -6.12
C ASP A 256 14.49 17.30 -6.29
N GLU A 257 15.34 18.32 -6.26
N GLU A 257 15.31 18.36 -6.27
CA GLU A 257 16.77 18.13 -6.50
CA GLU A 257 16.77 18.27 -6.42
C GLU A 257 17.49 17.39 -5.36
C GLU A 257 17.40 17.32 -5.39
N LEU A 258 16.90 17.39 -4.16
CA LEU A 258 17.46 16.64 -3.03
C LEU A 258 16.99 15.17 -2.96
N SER A 259 16.11 14.78 -3.87
CA SER A 259 15.55 13.43 -3.89
C SER A 259 16.47 12.43 -4.61
N LEU A 260 16.80 11.35 -3.92
CA LEU A 260 17.60 10.27 -4.50
C LEU A 260 16.70 9.20 -5.11
N HIS A 261 15.39 9.44 -5.03
CA HIS A 261 14.37 8.50 -5.49
C HIS A 261 14.37 7.20 -4.67
N MET A 262 14.02 6.08 -5.31
CA MET A 262 13.87 4.81 -4.59
C MET A 262 15.21 4.08 -4.47
N LEU A 263 15.41 3.43 -3.33
CA LEU A 263 16.56 2.53 -3.15
C LEU A 263 16.08 1.08 -3.14
N GLY A 264 17.02 0.14 -3.13
CA GLY A 264 16.68 -1.28 -3.08
C GLY A 264 17.04 -2.07 -4.33
N MET A 265 16.45 -3.26 -4.46
N MET A 265 16.44 -3.25 -4.44
CA MET A 265 16.76 -4.18 -5.56
CA MET A 265 16.68 -4.19 -5.54
C MET A 265 16.46 -3.61 -6.95
C MET A 265 16.51 -3.51 -6.89
N HIS A 266 15.36 -2.86 -7.07
CA HIS A 266 15.06 -2.14 -8.30
C HIS A 266 15.13 -0.64 -8.04
N GLY A 267 15.98 -0.26 -7.09
CA GLY A 267 16.24 1.15 -6.79
C GLY A 267 17.24 1.76 -7.74
N THR A 268 17.30 3.09 -7.76
CA THR A 268 18.24 3.82 -8.60
C THR A 268 19.66 3.58 -8.13
N VAL A 269 20.62 3.62 -9.05
CA VAL A 269 22.03 3.38 -8.73
C VAL A 269 22.55 4.42 -7.75
N TYR A 270 22.21 5.68 -7.98
CA TYR A 270 22.68 6.76 -7.11
C TYR A 270 22.15 6.67 -5.66
N ALA A 271 20.91 6.20 -5.50
CA ALA A 271 20.34 6.00 -4.16
C ALA A 271 21.10 4.92 -3.40
N ASN A 272 21.31 3.78 -4.05
CA ASN A 272 22.07 2.68 -3.47
C ASN A 272 23.53 3.03 -3.24
N TYR A 273 24.07 3.91 -4.09
CA TYR A 273 25.42 4.42 -3.94
C TYR A 273 25.52 5.25 -2.65
N ALA A 274 24.63 6.23 -2.53
CA ALA A 274 24.55 7.09 -1.35
C ALA A 274 24.56 6.27 -0.07
N VAL A 275 23.67 5.30 0.01
CA VAL A 275 23.53 4.44 1.18
C VAL A 275 24.79 3.58 1.39
N GLU A 276 25.34 3.07 0.29
CA GLU A 276 26.55 2.26 0.33
C GLU A 276 27.74 3.01 0.95
N HIS A 277 27.85 4.30 0.62
CA HIS A 277 29.01 5.10 1.04
C HIS A 277 28.70 6.14 2.12
N SER A 278 27.49 6.08 2.68
CA SER A 278 27.11 7.03 3.75
C SER A 278 27.84 6.72 5.05
N ASP A 279 28.07 7.77 5.84
CA ASP A 279 28.64 7.61 7.17
C ASP A 279 27.58 7.78 8.27
N LEU A 280 26.40 8.24 7.89
CA LEU A 280 25.27 8.36 8.81
C LEU A 280 23.96 8.02 8.11
N LEU A 281 23.34 6.91 8.51
CA LEU A 281 22.05 6.51 7.94
C LEU A 281 20.89 6.90 8.87
N LEU A 282 20.04 7.78 8.37
CA LEU A 282 18.86 8.21 9.10
C LEU A 282 17.64 7.43 8.62
N ALA A 283 17.40 6.29 9.26
CA ALA A 283 16.34 5.36 8.87
C ALA A 283 15.03 5.67 9.57
N PHE A 284 14.17 6.45 8.91
CA PHE A 284 12.93 6.91 9.50
C PHE A 284 11.70 6.19 8.95
N GLY A 285 11.08 5.36 9.77
CA GLY A 285 9.86 4.68 9.41
C GLY A 285 10.05 3.60 8.37
N VAL A 286 11.11 2.81 8.53
CA VAL A 286 11.43 1.71 7.64
C VAL A 286 11.59 0.44 8.46
N ARG A 287 11.70 -0.70 7.77
CA ARG A 287 11.85 -2.00 8.46
C ARG A 287 12.98 -2.86 7.90
N PHE A 288 13.99 -2.20 7.34
CA PHE A 288 15.20 -2.86 6.82
C PHE A 288 14.88 -4.17 6.11
N ASP A 289 13.90 -4.14 5.20
CA ASP A 289 13.43 -5.32 4.49
C ASP A 289 14.49 -5.81 3.48
N ASP A 290 14.51 -7.12 3.22
CA ASP A 290 15.53 -7.73 2.36
C ASP A 290 15.62 -7.13 0.93
N ARG A 291 14.49 -6.61 0.43
CA ARG A 291 14.44 -6.00 -0.89
C ARG A 291 15.30 -4.75 -1.03
N VAL A 292 15.52 -4.03 0.06
CA VAL A 292 16.33 -2.81 0.04
C VAL A 292 17.74 -3.05 0.58
N THR A 293 17.87 -3.94 1.55
CA THR A 293 19.18 -4.19 2.17
C THR A 293 20.06 -5.11 1.32
N GLY A 294 19.47 -6.15 0.75
CA GLY A 294 20.23 -7.23 0.13
C GLY A 294 20.97 -7.96 1.23
N LYS A 295 22.20 -8.37 0.94
CA LYS A 295 23.09 -9.00 1.92
C LYS A 295 23.36 -8.00 3.05
N LEU A 296 23.00 -8.40 4.27
CA LEU A 296 22.92 -7.46 5.40
C LEU A 296 24.23 -6.80 5.84
N GLU A 297 25.31 -7.57 5.94
CA GLU A 297 26.61 -7.04 6.42
C GLU A 297 27.21 -5.98 5.49
N ALA A 298 26.77 -5.98 4.24
CA ALA A 298 27.28 -5.05 3.23
C ALA A 298 26.44 -3.77 3.14
N PHE A 299 25.23 -3.82 3.68
CA PHE A 299 24.31 -2.68 3.65
C PHE A 299 24.78 -1.60 4.63
N ALA A 300 25.08 -0.42 4.10
CA ALA A 300 25.60 0.71 4.91
C ALA A 300 26.62 0.27 5.95
N SER A 301 27.68 -0.39 5.48
CA SER A 301 28.68 -1.00 6.36
C SER A 301 29.63 0.02 6.99
N ARG A 302 29.65 1.24 6.42
CA ARG A 302 30.47 2.33 6.92
C ARG A 302 29.62 3.41 7.60
N ALA A 303 28.35 3.10 7.82
CA ALA A 303 27.38 4.07 8.32
C ALA A 303 27.04 3.98 9.80
N LYS A 304 26.84 5.16 10.40
CA LYS A 304 26.32 5.28 11.76
C LYS A 304 24.80 5.31 11.61
N ILE A 305 24.14 4.28 12.15
CA ILE A 305 22.71 4.10 11.90
C ILE A 305 21.81 4.65 13.01
N VAL A 306 20.94 5.57 12.63
CA VAL A 306 19.89 6.08 13.52
C VAL A 306 18.55 5.55 13.01
N HIS A 307 17.81 4.89 13.90
CA HIS A 307 16.58 4.21 13.50
C HIS A 307 15.41 4.63 14.40
N ILE A 308 14.44 5.34 13.80
CA ILE A 308 13.23 5.75 14.51
C ILE A 308 12.04 4.92 14.02
N ASP A 309 11.42 4.18 14.93
CA ASP A 309 10.30 3.30 14.60
C ASP A 309 9.26 3.23 15.73
N ILE A 310 8.00 3.12 15.35
CA ILE A 310 6.91 3.06 16.32
C ILE A 310 6.76 1.65 16.91
N ASP A 311 7.44 0.69 16.30
CA ASP A 311 7.41 -0.69 16.76
C ASP A 311 8.79 -1.06 17.28
N SER A 312 8.87 -1.36 18.58
CA SER A 312 10.11 -1.77 19.21
C SER A 312 10.62 -3.11 18.70
N ALA A 313 9.70 -3.98 18.27
CA ALA A 313 10.05 -5.28 17.70
C ALA A 313 10.80 -5.16 16.38
N GLU A 314 10.76 -3.98 15.77
CA GLU A 314 11.47 -3.69 14.52
C GLU A 314 12.88 -3.15 14.74
N ILE A 315 13.10 -2.47 15.86
CA ILE A 315 14.40 -1.91 16.18
C ILE A 315 15.38 -3.01 16.58
N GLY A 316 16.40 -3.18 15.75
CA GLY A 316 17.42 -4.22 15.95
C GLY A 316 16.99 -5.59 15.49
N LYS A 317 15.95 -5.65 14.66
CA LYS A 317 15.48 -6.93 14.12
C LYS A 317 16.43 -7.46 13.05
N ASN A 318 16.71 -6.64 12.05
CA ASN A 318 17.56 -7.06 10.92
C ASN A 318 18.96 -6.45 10.96
N LYS A 319 19.04 -5.11 10.97
CA LYS A 319 20.29 -4.44 11.27
C LYS A 319 20.23 -3.75 12.61
N THR A 320 21.23 -4.01 13.44
CA THR A 320 21.30 -3.39 14.76
C THR A 320 21.80 -1.94 14.64
N PRO A 321 21.02 -0.97 15.16
CA PRO A 321 21.39 0.43 15.00
C PRO A 321 22.42 0.88 16.03
N HIS A 322 23.04 2.03 15.79
CA HIS A 322 23.91 2.65 16.78
C HIS A 322 23.01 3.40 17.75
N VAL A 323 22.20 4.30 17.20
CA VAL A 323 21.24 5.10 17.97
C VAL A 323 19.84 4.72 17.53
N SER A 324 18.93 4.62 18.49
CA SER A 324 17.53 4.30 18.19
C SER A 324 16.56 5.16 18.97
N VAL A 325 15.42 5.47 18.34
CA VAL A 325 14.33 6.17 18.99
C VAL A 325 13.05 5.36 18.75
N CYS A 326 12.34 5.06 19.84
CA CYS A 326 11.10 4.31 19.72
C CYS A 326 9.89 5.23 19.84
N GLY A 327 9.15 5.37 18.75
CA GLY A 327 7.93 6.18 18.74
C GLY A 327 7.55 6.75 17.38
N ASP A 328 6.68 7.75 17.41
CA ASP A 328 6.17 8.39 16.20
C ASP A 328 7.22 9.29 15.56
N VAL A 329 7.48 9.05 14.28
CA VAL A 329 8.48 9.80 13.53
C VAL A 329 8.06 11.27 13.32
N LYS A 330 6.74 11.49 13.24
CA LYS A 330 6.20 12.83 13.10
C LYS A 330 6.64 13.72 14.26
N LEU A 331 6.53 13.20 15.48
CA LEU A 331 6.93 13.91 16.69
C LEU A 331 8.45 14.06 16.78
N ALA A 332 9.18 13.02 16.38
CA ALA A 332 10.63 13.06 16.42
C ALA A 332 11.17 14.12 15.47
N LEU A 333 10.58 14.22 14.29
CA LEU A 333 10.94 15.25 13.33
C LEU A 333 10.58 16.64 13.86
N GLN A 334 9.38 16.77 14.41
CA GLN A 334 8.93 18.03 15.02
C GLN A 334 9.91 18.53 16.07
N GLY A 335 10.37 17.61 16.93
CA GLY A 335 11.35 17.92 17.96
C GLY A 335 12.70 18.29 17.38
N MET A 336 13.19 17.47 16.46
CA MET A 336 14.48 17.73 15.80
C MET A 336 14.47 19.03 15.01
N ASN A 337 13.30 19.39 14.46
CA ASN A 337 13.16 20.62 13.70
C ASN A 337 13.39 21.87 14.54
N LYS A 338 12.91 21.85 15.78
CA LYS A 338 13.10 22.98 16.70
C LYS A 338 14.55 23.16 17.07
N VAL A 339 15.22 22.06 17.42
CA VAL A 339 16.66 22.06 17.73
C VAL A 339 17.48 22.65 16.56
N LEU A 340 17.17 22.21 15.34
CA LEU A 340 17.85 22.70 14.14
C LEU A 340 17.52 24.15 13.83
N GLU A 341 16.31 24.58 14.19
CA GLU A 341 15.86 25.94 13.98
C GLU A 341 16.55 26.91 14.95
N ASN A 342 16.70 26.48 16.19
CA ASN A 342 17.32 27.29 17.24
C ASN A 342 18.83 27.46 17.07
N ARG A 343 19.51 26.38 16.71
CA ARG A 343 20.97 26.34 16.65
C ARG A 343 21.49 26.44 15.21
N ALA A 344 20.67 27.02 14.33
CA ALA A 344 20.96 27.07 12.88
C ALA A 344 22.34 27.67 12.55
N GLU A 345 22.59 28.89 13.01
CA GLU A 345 23.85 29.59 12.80
C GLU A 345 24.99 28.98 13.62
N GLU A 346 24.62 28.37 14.76
CA GLU A 346 25.56 27.67 15.63
C GLU A 346 26.17 26.42 14.96
N LEU A 347 25.44 25.84 14.02
CA LEU A 347 25.90 24.63 13.32
C LEU A 347 26.45 24.94 11.92
N LYS A 348 25.78 25.84 11.20
CA LYS A 348 26.12 26.18 9.82
C LYS A 348 26.40 24.93 8.98
N LEU A 349 25.36 24.12 8.79
CA LEU A 349 25.46 22.83 8.10
C LEU A 349 25.59 23.01 6.60
N ASP A 350 26.55 22.32 6.01
CA ASP A 350 26.77 22.34 4.56
C ASP A 350 27.24 20.97 4.06
N PHE A 351 26.38 20.27 3.34
CA PHE A 351 26.71 18.96 2.78
C PHE A 351 26.91 19.01 1.26
N GLY A 352 27.43 20.14 0.79
CA GLY A 352 27.65 20.38 -0.64
C GLY A 352 28.52 19.34 -1.33
N VAL A 353 29.67 19.05 -0.74
CA VAL A 353 30.63 18.08 -1.30
C VAL A 353 30.06 16.67 -1.47
N TRP A 354 29.16 16.29 -0.56
CA TRP A 354 28.51 14.97 -0.59
C TRP A 354 27.33 14.96 -1.55
N ARG A 355 26.54 16.03 -1.53
CA ARG A 355 25.39 16.19 -2.41
C ARG A 355 25.86 16.28 -3.87
N ASN A 356 26.98 16.99 -4.07
CA ASN A 356 27.64 17.08 -5.36
C ASN A 356 28.16 15.72 -5.84
N GLU A 357 28.83 15.00 -4.93
CA GLU A 357 29.34 13.66 -5.22
C GLU A 357 28.23 12.71 -5.68
N LEU A 358 27.02 12.93 -5.17
CA LEU A 358 25.86 12.15 -5.57
C LEU A 358 25.31 12.62 -6.92
N ASN A 359 25.38 13.93 -7.17
CA ASN A 359 24.93 14.52 -8.43
C ASN A 359 25.67 14.02 -9.67
N VAL A 360 26.94 13.64 -9.52
CA VAL A 360 27.68 13.03 -10.63
C VAL A 360 27.24 11.58 -10.87
N GLN A 361 26.88 10.87 -9.80
CA GLN A 361 26.35 9.51 -9.91
C GLN A 361 24.96 9.52 -10.56
N LYS A 362 24.18 10.55 -10.23
CA LYS A 362 22.85 10.74 -10.80
C LYS A 362 22.91 10.98 -12.32
N GLN A 363 24.04 11.50 -12.78
CA GLN A 363 24.26 11.72 -14.20
C GLN A 363 24.93 10.54 -14.88
N LYS A 364 25.89 9.91 -14.19
CA LYS A 364 26.58 8.75 -14.73
C LYS A 364 25.62 7.56 -14.84
N PHE A 365 24.69 7.44 -13.91
CA PHE A 365 23.72 6.34 -13.90
C PHE A 365 22.29 6.81 -13.66
N PRO A 366 21.68 7.50 -14.62
CA PRO A 366 20.28 7.87 -14.39
C PRO A 366 19.33 6.77 -14.86
N LEU A 367 18.07 6.84 -14.44
CA LEU A 367 17.04 5.91 -14.92
C LEU A 367 16.87 6.03 -16.43
N SER A 368 16.94 4.90 -17.13
CA SER A 368 16.93 4.91 -18.58
C SER A 368 16.07 3.80 -19.20
N PHE A 369 15.61 4.04 -20.43
CA PHE A 369 14.87 3.05 -21.20
C PHE A 369 15.15 3.16 -22.70
N LYS A 370 15.00 2.03 -23.40
CA LYS A 370 15.16 1.97 -24.85
C LYS A 370 13.81 2.10 -25.57
N THR A 371 13.82 2.80 -26.69
CA THR A 371 12.66 2.87 -27.57
C THR A 371 12.97 2.06 -28.83
N PHE A 372 12.12 1.09 -29.15
CA PHE A 372 12.34 0.25 -30.33
C PHE A 372 11.34 0.57 -31.43
N GLY A 373 11.82 1.22 -32.48
CA GLY A 373 10.98 1.60 -33.60
C GLY A 373 9.71 2.29 -33.15
N GLU A 374 8.58 1.74 -33.55
CA GLU A 374 7.28 2.32 -33.24
C GLU A 374 6.58 1.74 -32.01
N ALA A 375 7.18 0.70 -31.43
CA ALA A 375 6.62 0.03 -30.26
C ALA A 375 6.61 0.93 -29.03
N ILE A 376 5.61 0.75 -28.18
CA ILE A 376 5.47 1.54 -26.95
C ILE A 376 6.41 1.04 -25.85
N PRO A 377 7.29 1.92 -25.33
CA PRO A 377 7.98 1.57 -24.08
C PRO A 377 7.06 1.80 -22.88
N PRO A 378 6.87 0.76 -22.04
CA PRO A 378 6.01 0.88 -20.87
C PRO A 378 6.40 2.07 -19.99
N GLN A 379 7.71 2.26 -19.81
CA GLN A 379 8.26 3.37 -19.04
C GLN A 379 7.77 4.72 -19.57
N TYR A 380 7.86 4.90 -20.88
CA TYR A 380 7.46 6.14 -21.54
C TYR A 380 5.97 6.43 -21.37
N ALA A 381 5.14 5.39 -21.39
CA ALA A 381 3.70 5.52 -21.18
C ALA A 381 3.40 6.13 -19.81
N ILE A 382 4.09 5.65 -18.80
CA ILE A 382 3.96 6.15 -17.43
C ILE A 382 4.46 7.61 -17.32
N LYS A 383 5.50 7.93 -18.08
CA LYS A 383 5.99 9.31 -18.15
C LYS A 383 4.96 10.27 -18.76
N VAL A 384 4.27 9.80 -19.80
CA VAL A 384 3.22 10.60 -20.43
C VAL A 384 2.04 10.78 -19.48
N LEU A 385 1.66 9.71 -18.77
CA LEU A 385 0.59 9.78 -17.77
C LEU A 385 0.95 10.81 -16.70
N ASP A 386 2.21 10.77 -16.24
CA ASP A 386 2.73 11.71 -15.25
C ASP A 386 2.59 13.16 -15.74
N GLU A 387 3.10 13.42 -16.94
CA GLU A 387 3.05 14.76 -17.54
C GLU A 387 1.61 15.26 -17.65
N LEU A 388 0.73 14.41 -18.18
CA LEU A 388 -0.66 14.79 -18.46
C LEU A 388 -1.54 14.96 -17.21
N THR A 389 -1.29 14.15 -16.18
CA THR A 389 -2.03 14.26 -14.93
C THR A 389 -1.40 15.32 -14.02
N ASP A 390 -0.23 15.82 -14.43
CA ASP A 390 0.52 16.85 -13.71
C ASP A 390 1.09 16.32 -12.38
N GLY A 391 1.31 15.01 -12.33
CA GLY A 391 1.85 14.33 -11.15
C GLY A 391 0.90 14.25 -9.97
N LYS A 392 -0.39 14.44 -10.22
CA LYS A 392 -1.38 14.59 -9.15
C LYS A 392 -2.40 13.45 -9.07
N ALA A 393 -2.17 12.38 -9.82
CA ALA A 393 -3.08 11.23 -9.82
C ALA A 393 -2.80 10.29 -8.66
N ILE A 394 -3.85 9.62 -8.19
CA ILE A 394 -3.71 8.49 -7.29
C ILE A 394 -3.45 7.25 -8.15
N ILE A 395 -2.31 6.60 -7.90
CA ILE A 395 -1.90 5.45 -8.69
C ILE A 395 -1.95 4.16 -7.86
N SER A 396 -2.74 3.19 -8.34
CA SER A 396 -2.67 1.83 -7.80
C SER A 396 -2.02 0.94 -8.86
N THR A 397 -1.46 -0.18 -8.42
CA THR A 397 -0.78 -1.11 -9.34
C THR A 397 -0.97 -2.57 -8.96
N GLY A 398 -0.76 -3.45 -9.94
CA GLY A 398 -0.63 -4.88 -9.65
C GLY A 398 0.78 -5.15 -9.15
N VAL A 399 1.27 -6.36 -9.39
CA VAL A 399 2.60 -6.74 -8.94
C VAL A 399 3.45 -7.25 -10.10
N GLY A 400 4.68 -6.74 -10.20
CA GLY A 400 5.61 -7.17 -11.22
C GLY A 400 6.28 -6.02 -11.93
N GLN A 401 6.78 -6.29 -13.13
CA GLN A 401 7.52 -5.30 -13.92
C GLN A 401 6.81 -3.96 -13.96
N HIS A 402 5.51 -3.97 -14.27
CA HIS A 402 4.76 -2.74 -14.43
C HIS A 402 4.70 -1.95 -13.11
N GLN A 403 4.72 -2.66 -11.99
CA GLN A 403 4.69 -2.04 -10.67
C GLN A 403 5.97 -1.26 -10.41
N MET A 404 7.11 -1.83 -10.80
CA MET A 404 8.39 -1.17 -10.62
C MET A 404 8.52 0.08 -11.49
N TRP A 405 7.98 0.03 -12.71
CA TRP A 405 8.06 1.17 -13.61
C TRP A 405 7.14 2.29 -13.16
N ALA A 406 5.97 1.93 -12.65
CA ALA A 406 5.03 2.90 -12.09
C ALA A 406 5.65 3.58 -10.88
N ALA A 407 6.53 2.85 -10.20
CA ALA A 407 7.28 3.38 -9.07
C ALA A 407 8.40 4.29 -9.55
N GLN A 408 9.11 3.84 -10.58
CA GLN A 408 10.29 4.54 -11.08
C GLN A 408 9.98 5.79 -11.91
N PHE A 409 8.89 5.77 -12.68
CA PHE A 409 8.68 6.80 -13.71
C PHE A 409 7.51 7.77 -13.50
N TYR A 410 6.81 7.62 -12.38
CA TYR A 410 5.83 8.62 -11.97
C TYR A 410 6.40 9.38 -10.79
N ASN A 411 6.16 10.69 -10.75
CA ASN A 411 6.71 11.55 -9.71
C ASN A 411 5.68 12.00 -8.68
N TYR A 412 5.61 11.26 -7.58
CA TYR A 412 4.58 11.45 -6.56
C TYR A 412 4.91 12.67 -5.69
N LYS A 413 3.97 13.62 -5.65
CA LYS A 413 4.19 14.85 -4.90
C LYS A 413 3.89 14.64 -3.41
N LYS A 414 2.70 14.11 -3.12
CA LYS A 414 2.29 13.82 -1.74
C LYS A 414 2.27 12.31 -1.50
N PRO A 415 2.36 11.89 -0.23
CA PRO A 415 2.15 10.47 0.06
C PRO A 415 0.66 10.13 -0.02
N ARG A 416 0.34 8.84 -0.13
CA ARG A 416 -1.05 8.38 -0.31
C ARG A 416 -1.56 8.66 -1.73
N GLN A 417 -0.63 8.89 -2.65
CA GLN A 417 -0.91 8.89 -4.08
C GLN A 417 -0.52 7.55 -4.67
N TRP A 418 0.41 6.88 -3.99
CA TRP A 418 0.97 5.59 -4.41
C TRP A 418 0.36 4.47 -3.57
N LEU A 419 -0.45 3.65 -4.22
CA LEU A 419 -1.06 2.50 -3.56
C LEU A 419 -0.49 1.25 -4.22
N SER A 420 0.20 0.43 -3.44
CA SER A 420 0.76 -0.80 -3.98
C SER A 420 1.06 -1.83 -2.91
N SER A 421 0.91 -3.10 -3.26
CA SER A 421 1.21 -4.20 -2.36
C SER A 421 2.72 -4.44 -2.37
N GLY A 422 3.37 -4.10 -1.27
CA GLY A 422 4.81 -4.21 -1.17
C GLY A 422 5.30 -5.44 -0.42
N GLY A 423 4.80 -5.64 0.79
CA GLY A 423 5.25 -6.73 1.65
C GLY A 423 4.87 -8.11 1.13
N LEU A 424 3.58 -8.31 0.88
CA LEU A 424 3.07 -9.57 0.37
C LEU A 424 3.24 -9.65 -1.14
N GLY A 425 3.06 -8.52 -1.82
CA GLY A 425 3.16 -8.46 -3.27
C GLY A 425 2.08 -9.27 -3.97
N ALA A 426 0.82 -8.98 -3.63
CA ALA A 426 -0.32 -9.72 -4.14
C ALA A 426 -0.79 -9.19 -5.48
N MET A 427 -0.89 -10.08 -6.46
CA MET A 427 -1.48 -9.75 -7.75
C MET A 427 -3.00 -9.55 -7.63
N GLY A 428 -3.56 -8.81 -8.58
CA GLY A 428 -4.98 -8.50 -8.58
C GLY A 428 -5.34 -7.47 -7.53
N PHE A 429 -4.36 -6.65 -7.14
CA PHE A 429 -4.55 -5.59 -6.13
C PHE A 429 -4.98 -4.26 -6.74
N GLY A 430 -4.30 -3.85 -7.80
CA GLY A 430 -4.49 -2.54 -8.44
C GLY A 430 -5.92 -2.11 -8.74
N LEU A 431 -6.71 -3.01 -9.31
CA LEU A 431 -8.07 -2.68 -9.71
C LEU A 431 -9.04 -2.49 -8.52
N PRO A 432 -9.22 -3.51 -7.66
CA PRO A 432 -10.09 -3.25 -6.52
C PRO A 432 -9.54 -2.14 -5.62
N ALA A 433 -8.21 -2.04 -5.50
CA ALA A 433 -7.61 -0.92 -4.74
C ALA A 433 -8.07 0.43 -5.29
N ALA A 434 -8.04 0.57 -6.61
CA ALA A 434 -8.48 1.80 -7.26
C ALA A 434 -9.91 2.17 -6.88
N ILE A 435 -10.79 1.17 -6.81
CA ILE A 435 -12.18 1.35 -6.37
C ILE A 435 -12.24 2.02 -4.99
N GLY A 436 -11.49 1.48 -4.04
CA GLY A 436 -11.42 2.07 -2.71
C GLY A 436 -10.91 3.49 -2.70
N ALA A 437 -9.82 3.72 -3.43
CA ALA A 437 -9.23 5.04 -3.60
C ALA A 437 -10.23 6.06 -4.13
N SER A 438 -10.96 5.69 -5.17
CA SER A 438 -11.91 6.59 -5.79
C SER A 438 -13.15 6.88 -4.93
N VAL A 439 -13.59 5.90 -4.15
CA VAL A 439 -14.72 6.10 -3.25
C VAL A 439 -14.30 7.03 -2.11
N ALA A 440 -13.06 6.90 -1.67
CA ALA A 440 -12.49 7.76 -0.64
C ALA A 440 -12.12 9.15 -1.16
N ASN A 441 -11.80 9.24 -2.45
CA ASN A 441 -11.36 10.48 -3.08
C ASN A 441 -12.16 10.77 -4.35
N PRO A 442 -13.41 11.23 -4.19
CA PRO A 442 -14.35 11.31 -5.32
C PRO A 442 -13.98 12.33 -6.41
N ASP A 443 -13.05 13.24 -6.09
CA ASP A 443 -12.69 14.34 -6.99
C ASP A 443 -11.29 14.22 -7.60
N ALA A 444 -10.57 13.16 -7.26
CA ALA A 444 -9.20 12.98 -7.73
C ALA A 444 -9.13 12.05 -8.93
N ILE A 445 -8.11 12.24 -9.75
CA ILE A 445 -7.84 11.33 -10.85
C ILE A 445 -7.29 10.04 -10.24
N VAL A 446 -7.94 8.93 -10.51
CA VAL A 446 -7.51 7.63 -10.00
C VAL A 446 -7.17 6.71 -11.17
N VAL A 447 -5.89 6.31 -11.25
CA VAL A 447 -5.42 5.50 -12.36
C VAL A 447 -4.81 4.20 -11.83
N ASP A 448 -5.27 3.08 -12.37
CA ASP A 448 -4.73 1.77 -12.00
C ASP A 448 -3.76 1.34 -13.09
N ILE A 449 -2.46 1.49 -12.80
CA ILE A 449 -1.42 1.01 -13.70
C ILE A 449 -1.26 -0.51 -13.46
N ASP A 450 -1.89 -1.29 -14.32
CA ASP A 450 -2.00 -2.74 -14.10
C ASP A 450 -1.32 -3.54 -15.18
N GLY A 451 -1.01 -4.80 -14.87
CA GLY A 451 -0.45 -5.74 -15.85
C GLY A 451 -1.51 -6.75 -16.23
N ASP A 452 -1.39 -7.35 -17.42
CA ASP A 452 -2.42 -8.26 -17.92
C ASP A 452 -2.59 -9.50 -17.05
N GLY A 453 -1.49 -9.96 -16.46
CA GLY A 453 -1.54 -11.05 -15.49
C GLY A 453 -2.35 -10.69 -14.26
N SER A 454 -2.03 -9.54 -13.67
CA SER A 454 -2.68 -9.06 -12.46
C SER A 454 -4.11 -8.62 -12.72
N PHE A 455 -4.31 -7.90 -13.82
CA PHE A 455 -5.61 -7.31 -14.14
C PHE A 455 -6.70 -8.38 -14.20
N ILE A 456 -6.41 -9.47 -14.92
CA ILE A 456 -7.40 -10.54 -15.13
C ILE A 456 -7.85 -11.21 -13.83
N MET A 457 -6.94 -11.30 -12.85
CA MET A 457 -7.24 -11.95 -11.56
C MET A 457 -8.47 -11.40 -10.87
N ASN A 458 -8.65 -10.08 -10.93
CA ASN A 458 -9.83 -9.45 -10.33
C ASN A 458 -10.59 -8.60 -11.32
N VAL A 459 -10.69 -9.12 -12.54
CA VAL A 459 -11.39 -8.46 -13.62
C VAL A 459 -12.88 -8.31 -13.33
N GLN A 460 -13.41 -9.19 -12.48
CA GLN A 460 -14.83 -9.14 -12.14
C GLN A 460 -15.24 -7.81 -11.50
N GLU A 461 -14.27 -7.07 -10.96
CA GLU A 461 -14.57 -5.80 -10.29
C GLU A 461 -14.88 -4.64 -11.27
N LEU A 462 -14.75 -4.90 -12.57
CA LEU A 462 -15.19 -3.95 -13.58
C LEU A 462 -16.69 -3.78 -13.52
N ALA A 463 -17.40 -4.86 -13.16
CA ALA A 463 -18.82 -4.79 -12.85
C ALA A 463 -19.07 -3.76 -11.74
N THR A 464 -18.24 -3.79 -10.70
CA THR A 464 -18.33 -2.87 -9.54
C THR A 464 -18.10 -1.41 -9.94
N ILE A 465 -16.99 -1.15 -10.64
CA ILE A 465 -16.65 0.19 -11.13
C ILE A 465 -17.83 0.83 -11.87
N ARG A 466 -18.38 0.12 -12.84
CA ARG A 466 -19.50 0.64 -13.64
C ARG A 466 -20.74 0.88 -12.79
N VAL A 467 -21.21 -0.14 -12.09
CA VAL A 467 -22.43 -0.06 -11.28
C VAL A 467 -22.35 1.05 -10.23
N GLU A 468 -21.17 1.20 -9.63
CA GLU A 468 -20.93 2.26 -8.64
C GLU A 468 -20.56 3.59 -9.29
N ASN A 469 -20.59 3.63 -10.62
CA ASN A 469 -20.31 4.84 -11.42
C ASN A 469 -19.06 5.63 -10.98
N LEU A 470 -17.95 4.91 -10.84
CA LEU A 470 -16.67 5.47 -10.38
C LEU A 470 -15.71 5.75 -11.54
N PRO A 471 -15.04 6.91 -11.52
CA PRO A 471 -14.16 7.33 -12.61
C PRO A 471 -12.76 6.70 -12.56
N VAL A 472 -12.71 5.38 -12.40
CA VAL A 472 -11.42 4.67 -12.36
C VAL A 472 -10.84 4.61 -13.76
N LYS A 473 -9.62 5.10 -13.92
CA LYS A 473 -8.91 4.96 -15.20
C LYS A 473 -7.94 3.79 -15.11
N VAL A 474 -8.01 2.89 -16.07
CA VAL A 474 -7.12 1.72 -16.09
C VAL A 474 -6.09 1.81 -17.22
N LEU A 475 -4.82 1.98 -16.86
CA LEU A 475 -3.73 1.98 -17.83
C LEU A 475 -3.06 0.60 -17.83
N LEU A 476 -3.55 -0.28 -18.70
CA LEU A 476 -3.10 -1.66 -18.73
C LEU A 476 -1.86 -1.82 -19.60
N LEU A 477 -0.73 -2.11 -18.96
CA LEU A 477 0.51 -2.39 -19.67
C LEU A 477 0.56 -3.86 -20.07
N ASN A 478 0.03 -4.15 -21.26
CA ASN A 478 -0.19 -5.50 -21.75
C ASN A 478 1.03 -6.06 -22.48
N ASN A 479 1.78 -6.94 -21.83
CA ASN A 479 2.94 -7.57 -22.47
C ASN A 479 2.84 -9.09 -22.63
N GLN A 480 1.61 -9.62 -22.53
CA GLN A 480 1.29 -11.03 -22.79
C GLN A 480 1.99 -12.06 -21.90
N HIS A 481 2.68 -11.59 -20.86
CA HIS A 481 3.49 -12.45 -20.01
C HIS A 481 3.39 -12.09 -18.53
N LEU A 482 3.71 -13.06 -17.69
CA LEU A 482 4.04 -12.79 -16.29
C LEU A 482 5.48 -12.27 -16.28
N GLY A 483 5.62 -10.97 -16.55
CA GLY A 483 6.91 -10.33 -16.83
C GLY A 483 8.00 -10.48 -15.79
N MET A 484 7.66 -10.25 -14.53
CA MET A 484 8.63 -10.33 -13.45
C MET A 484 9.26 -11.71 -13.35
N VAL A 485 8.43 -12.75 -13.52
CA VAL A 485 8.90 -14.13 -13.50
C VAL A 485 9.73 -14.41 -14.74
N MET A 486 9.30 -13.85 -15.87
CA MET A 486 9.99 -13.97 -17.16
C MET A 486 11.39 -13.35 -17.13
N GLN A 487 11.52 -12.21 -16.46
CA GLN A 487 12.81 -11.52 -16.33
C GLN A 487 13.82 -12.40 -15.59
N TRP A 488 13.39 -12.98 -14.48
CA TRP A 488 14.20 -13.90 -13.69
C TRP A 488 14.51 -15.17 -14.47
N GLU A 489 13.53 -15.61 -15.27
CA GLU A 489 13.68 -16.74 -16.16
C GLU A 489 14.81 -16.47 -17.15
N ASP A 490 14.84 -15.25 -17.68
CA ASP A 490 15.84 -14.84 -18.68
C ASP A 490 17.25 -14.77 -18.13
N ARG A 491 17.38 -14.38 -16.85
CA ARG A 491 18.70 -14.11 -16.28
C ARG A 491 19.28 -15.23 -15.42
N PHE A 492 18.45 -16.21 -15.05
CA PHE A 492 18.91 -17.29 -14.16
C PHE A 492 18.59 -18.70 -14.67
N TYR A 493 17.63 -18.80 -15.60
CA TYR A 493 17.22 -20.11 -16.12
C TYR A 493 17.29 -20.19 -17.65
N LYS A 494 18.38 -19.64 -18.21
CA LYS A 494 18.67 -19.70 -19.65
C LYS A 494 17.46 -19.43 -20.56
N ALA A 495 16.62 -18.47 -20.15
CA ALA A 495 15.40 -18.06 -20.87
C ALA A 495 14.38 -19.20 -21.10
N ASN A 496 14.47 -20.25 -20.28
CA ASN A 496 13.56 -21.39 -20.35
C ASN A 496 12.18 -21.07 -19.79
N ARG A 497 11.21 -20.88 -20.67
CA ARG A 497 9.85 -20.54 -20.29
C ARG A 497 9.18 -21.63 -19.46
N ALA A 498 8.82 -21.27 -18.23
CA ALA A 498 8.08 -22.17 -17.35
C ALA A 498 6.74 -21.54 -16.97
N HIS A 499 5.78 -21.65 -17.88
CA HIS A 499 4.39 -21.23 -17.69
C HIS A 499 4.24 -19.73 -17.42
N THR A 500 4.98 -18.92 -18.16
CA THR A 500 4.93 -17.46 -18.01
C THR A 500 4.20 -16.73 -19.14
N PHE A 501 3.90 -17.44 -20.22
CA PHE A 501 3.16 -16.85 -21.34
C PHE A 501 1.64 -16.86 -21.10
N LEU A 502 1.02 -15.69 -21.22
CA LEU A 502 -0.40 -15.54 -20.88
C LEU A 502 -1.35 -15.57 -22.08
N GLY A 503 -0.80 -15.49 -23.29
CA GLY A 503 -1.62 -15.52 -24.50
C GLY A 503 -2.01 -16.92 -24.95
N ASP A 504 -2.43 -17.04 -26.20
CA ASP A 504 -2.90 -18.30 -26.76
C ASP A 504 -1.87 -18.89 -27.72
N PRO A 505 -1.29 -20.07 -27.36
CA PRO A 505 -0.27 -20.76 -28.17
C PRO A 505 -0.70 -21.14 -29.59
N ALA A 506 -2.01 -21.20 -29.84
CA ALA A 506 -2.54 -21.47 -31.17
C ALA A 506 -2.41 -20.23 -32.07
N GLN A 507 -2.94 -19.10 -31.60
CA GLN A 507 -2.86 -17.82 -32.31
C GLN A 507 -1.83 -16.92 -31.61
N GLU A 508 -0.56 -17.34 -31.66
CA GLU A 508 0.54 -16.76 -30.85
C GLU A 508 0.87 -15.26 -31.05
N ASP A 509 0.36 -14.65 -32.13
CA ASP A 509 0.59 -13.23 -32.40
C ASP A 509 -0.60 -12.35 -32.08
N GLU A 510 -1.76 -12.97 -31.88
CA GLU A 510 -2.97 -12.27 -31.48
C GLU A 510 -2.93 -11.94 -29.99
N ILE A 511 -3.23 -10.69 -29.66
CA ILE A 511 -3.35 -10.25 -28.28
C ILE A 511 -4.50 -11.02 -27.62
N PHE A 512 -4.19 -11.76 -26.57
CA PHE A 512 -5.16 -12.60 -25.86
C PHE A 512 -5.00 -12.55 -24.35
N PRO A 513 -6.11 -12.47 -23.61
CA PRO A 513 -7.46 -12.28 -24.14
C PRO A 513 -7.69 -10.83 -24.57
N ASN A 514 -8.87 -10.54 -25.10
CA ASN A 514 -9.20 -9.20 -25.55
C ASN A 514 -9.77 -8.37 -24.41
N MET A 515 -8.91 -7.56 -23.81
CA MET A 515 -9.26 -6.80 -22.61
C MET A 515 -10.32 -5.73 -22.87
N LEU A 516 -10.39 -5.23 -24.10
CA LEU A 516 -11.43 -4.28 -24.48
C LEU A 516 -12.81 -4.91 -24.31
N LEU A 517 -12.92 -6.19 -24.66
CA LEU A 517 -14.20 -6.90 -24.56
C LEU A 517 -14.64 -7.21 -23.12
N PHE A 518 -13.69 -7.37 -22.21
CA PHE A 518 -14.02 -7.42 -20.78
C PHE A 518 -14.67 -6.12 -20.36
N ALA A 519 -14.07 -5.00 -20.78
CA ALA A 519 -14.57 -3.68 -20.46
C ALA A 519 -15.94 -3.42 -21.06
N ALA A 520 -16.17 -3.92 -22.26
CA ALA A 520 -17.45 -3.76 -22.96
C ALA A 520 -18.55 -4.57 -22.29
N ALA A 521 -18.19 -5.77 -21.82
CA ALA A 521 -19.10 -6.62 -21.05
C ALA A 521 -19.70 -5.87 -19.87
N CYS A 522 -18.93 -4.94 -19.30
CA CYS A 522 -19.36 -4.14 -18.16
C CYS A 522 -19.69 -2.70 -18.54
N GLY A 523 -19.86 -2.45 -19.84
CA GLY A 523 -20.21 -1.12 -20.34
C GLY A 523 -19.23 -0.01 -19.96
N ILE A 524 -17.94 -0.32 -20.09
CA ILE A 524 -16.88 0.62 -19.81
C ILE A 524 -16.12 0.94 -21.11
N PRO A 525 -16.10 2.23 -21.51
CA PRO A 525 -15.40 2.66 -22.72
C PRO A 525 -13.95 2.22 -22.72
N ALA A 526 -13.45 1.79 -23.87
CA ALA A 526 -12.12 1.20 -23.95
C ALA A 526 -11.48 1.40 -25.32
N ALA A 527 -10.16 1.55 -25.29
CA ALA A 527 -9.36 1.70 -26.51
C ALA A 527 -8.04 0.97 -26.35
N ARG A 528 -7.47 0.57 -27.48
CA ARG A 528 -6.19 -0.13 -27.53
C ARG A 528 -5.20 0.79 -28.23
N VAL A 529 -3.95 0.78 -27.79
CA VAL A 529 -2.91 1.60 -28.41
C VAL A 529 -1.64 0.77 -28.63
N THR A 530 -1.10 0.81 -29.84
CA THR A 530 0.06 -0.02 -30.21
C THR A 530 1.27 0.80 -30.66
N LYS A 531 1.02 1.83 -31.47
CA LYS A 531 2.07 2.72 -31.93
C LYS A 531 2.32 3.79 -30.86
N LYS A 532 3.59 4.10 -30.63
CA LYS A 532 4.00 5.13 -29.66
C LYS A 532 3.40 6.50 -29.99
N ALA A 533 3.29 6.82 -31.27
CA ALA A 533 2.72 8.10 -31.72
C ALA A 533 1.30 8.35 -31.20
N ASP A 534 0.48 7.30 -31.15
CA ASP A 534 -0.92 7.42 -30.73
C ASP A 534 -1.08 7.50 -29.21
N LEU A 535 0.02 7.34 -28.48
CA LEU A 535 -0.01 7.22 -27.03
C LEU A 535 -0.44 8.50 -26.30
N ARG A 536 0.23 9.60 -26.61
CA ARG A 536 -0.08 10.91 -26.03
C ARG A 536 -1.58 11.24 -26.12
N GLU A 537 -2.18 10.94 -27.27
CA GLU A 537 -3.61 11.18 -27.51
C GLU A 537 -4.52 10.16 -26.81
N ALA A 538 -4.14 8.88 -26.89
CA ALA A 538 -4.92 7.80 -26.27
C ALA A 538 -5.10 8.02 -24.78
N ILE A 539 -4.00 8.33 -24.09
CA ILE A 539 -4.00 8.63 -22.67
C ILE A 539 -4.84 9.88 -22.36
N GLN A 540 -4.69 10.91 -23.19
CA GLN A 540 -5.44 12.16 -23.00
C GLN A 540 -6.95 11.89 -23.08
N THR A 541 -7.32 10.97 -23.98
CA THR A 541 -8.72 10.58 -24.18
C THR A 541 -9.24 9.81 -22.97
N MET A 542 -8.41 8.92 -22.43
CA MET A 542 -8.71 8.21 -21.19
C MET A 542 -9.03 9.21 -20.07
N LEU A 543 -8.17 10.21 -19.90
CA LEU A 543 -8.35 11.19 -18.85
C LEU A 543 -9.59 12.07 -19.05
N ASP A 544 -9.87 12.44 -20.31
CA ASP A 544 -10.94 13.39 -20.62
C ASP A 544 -12.35 12.80 -20.64
N THR A 545 -12.48 11.55 -21.08
CA THR A 545 -13.76 10.85 -21.10
C THR A 545 -14.28 10.67 -19.67
N PRO A 546 -15.48 11.21 -19.37
CA PRO A 546 -16.04 11.07 -18.02
C PRO A 546 -16.28 9.61 -17.64
N GLY A 547 -16.19 9.31 -16.35
CA GLY A 547 -16.40 7.95 -15.86
C GLY A 547 -15.20 7.02 -16.08
N PRO A 548 -15.43 5.70 -15.94
CA PRO A 548 -14.36 4.71 -16.08
C PRO A 548 -13.86 4.59 -17.51
N TYR A 549 -12.60 4.19 -17.66
CA TYR A 549 -11.98 4.02 -18.97
C TYR A 549 -10.84 3.01 -18.88
N LEU A 550 -10.76 2.13 -19.88
CA LEU A 550 -9.65 1.19 -19.97
C LEU A 550 -8.82 1.44 -21.23
N LEU A 551 -7.52 1.61 -21.04
CA LEU A 551 -6.59 1.76 -22.15
C LEU A 551 -5.61 0.58 -22.17
N ASP A 552 -5.76 -0.27 -23.18
CA ASP A 552 -4.89 -1.42 -23.40
C ASP A 552 -3.62 -0.94 -24.10
N VAL A 553 -2.50 -0.95 -23.37
CA VAL A 553 -1.22 -0.50 -23.93
C VAL A 553 -0.34 -1.69 -24.26
N ILE A 554 -0.13 -1.94 -25.55
CA ILE A 554 0.68 -3.06 -25.99
C ILE A 554 2.16 -2.71 -25.88
N CYS A 555 2.92 -3.61 -25.26
CA CYS A 555 4.35 -3.41 -25.02
C CYS A 555 5.13 -4.65 -25.45
N PRO A 556 6.34 -4.47 -26.01
CA PRO A 556 7.21 -5.60 -26.30
C PRO A 556 7.51 -6.38 -25.02
N HIS A 557 7.38 -7.70 -25.07
CA HIS A 557 7.40 -8.51 -23.85
C HIS A 557 8.77 -8.66 -23.21
N GLN A 558 9.84 -8.36 -23.94
CA GLN A 558 11.20 -8.65 -23.49
C GLN A 558 11.94 -7.48 -22.82
N GLU A 559 11.19 -6.47 -22.37
CA GLU A 559 11.75 -5.39 -21.57
C GLU A 559 12.11 -5.90 -20.18
N HIS A 560 13.16 -5.33 -19.59
CA HIS A 560 13.59 -5.69 -18.24
C HIS A 560 13.59 -4.49 -17.30
N VAL A 561 13.15 -4.72 -16.06
CA VAL A 561 13.24 -3.69 -15.02
C VAL A 561 14.70 -3.55 -14.59
N LEU A 562 15.22 -2.33 -14.69
CA LEU A 562 16.59 -2.03 -14.33
C LEU A 562 16.67 -0.73 -13.52
N PRO A 563 17.65 -0.62 -12.60
CA PRO A 563 18.71 -1.58 -12.26
C PRO A 563 18.20 -2.79 -11.50
N MET A 564 19.10 -3.73 -11.20
CA MET A 564 18.75 -4.94 -10.48
C MET A 564 19.91 -5.50 -9.65
N ILE A 565 19.68 -5.64 -8.35
CA ILE A 565 20.62 -6.35 -7.48
C ILE A 565 20.07 -7.77 -7.25
N PRO A 566 20.74 -8.79 -7.80
CA PRO A 566 20.29 -10.18 -7.62
C PRO A 566 20.08 -10.51 -6.14
N SER A 567 19.02 -11.26 -5.84
CA SER A 567 18.56 -11.45 -4.46
C SER A 567 19.64 -11.97 -3.51
N GLY A 568 19.79 -11.28 -2.38
CA GLY A 568 20.85 -11.58 -1.41
C GLY A 568 22.21 -11.07 -1.84
N GLY A 569 22.23 -9.97 -2.60
CA GLY A 569 23.47 -9.42 -3.15
C GLY A 569 23.92 -8.11 -2.54
N THR A 570 24.88 -7.49 -3.19
CA THR A 570 25.52 -6.25 -2.73
C THR A 570 25.41 -5.19 -3.83
N PHE A 571 25.83 -3.97 -3.52
CA PHE A 571 25.89 -2.87 -4.50
C PHE A 571 26.86 -3.17 -5.66
N ASN A 572 27.86 -4.01 -5.40
CA ASN A 572 28.81 -4.45 -6.42
C ASN A 572 28.20 -5.42 -7.45
N ASP A 573 27.12 -6.08 -7.05
CA ASP A 573 26.43 -7.04 -7.91
C ASP A 573 25.39 -6.40 -8.82
N VAL A 574 25.25 -5.07 -8.72
CA VAL A 574 24.22 -4.33 -9.46
C VAL A 574 24.28 -4.57 -10.98
N ILE A 575 23.12 -4.90 -11.55
CA ILE A 575 22.97 -5.11 -12.99
C ILE A 575 22.28 -3.88 -13.58
N THR A 576 22.94 -3.23 -14.54
CA THR A 576 22.46 -1.98 -15.12
C THR A 576 22.16 -2.08 -16.62
N GLU A 577 22.53 -3.22 -17.22
CA GLU A 577 22.46 -3.38 -18.66
C GLU A 577 21.79 -4.69 -19.07
N GLY A 578 21.06 -4.65 -20.19
CA GLY A 578 20.51 -5.86 -20.79
C GLY A 578 19.00 -5.97 -20.79
N ASP A 579 18.49 -6.93 -21.54
CA ASP A 579 17.06 -7.26 -21.61
C ASP A 579 16.86 -8.69 -22.12
N GLY A 580 15.63 -9.05 -22.44
CA GLY A 580 15.32 -10.38 -22.96
C GLY A 580 15.51 -10.51 -24.47
N ARG A 581 16.06 -9.48 -25.09
CA ARG A 581 16.29 -9.45 -26.53
C ARG A 581 17.61 -10.09 -26.96
N ILE A 582 17.78 -10.21 -28.28
CA ILE A 582 18.92 -10.89 -28.94
C ILE A 582 20.14 -11.13 -28.04
O8 1MS B . 10.35 -15.90 -2.28
N7 1MS B . 11.77 -15.80 -2.44
O9 1MS B . 12.34 -16.51 -3.51
C1 1MS B . 12.47 -15.03 -1.59
C6 1MS B . 11.75 -14.40 -0.59
C5 1MS B . 12.33 -13.58 0.37
C4 1MS B . 13.70 -13.29 0.45
C3 1MS B . 14.59 -13.94 -0.61
C2 1MS B . 13.86 -14.82 -1.63
S10 1MS B . 14.93 -15.56 -2.83
O11 1MS B . 16.24 -14.84 -2.83
O12 1MS B . 15.17 -16.98 -2.45
N13 1MS B . 14.34 -15.53 -4.39
C14 1MS B . 13.80 -14.40 -4.87
O15 1MS B . 13.95 -13.31 -4.31
N16 1MS B . 13.10 -14.57 -5.99
C18 1MS B . 12.46 -13.61 -6.69
N17 1MS B . 12.34 -12.35 -6.25
C23 1MS B . 11.69 -11.42 -6.93
C22 1MS B . 11.10 -11.71 -8.16
C20 1MS B . 11.19 -13.00 -8.66
C21 1MS B . 10.60 -13.34 -9.87
N19 1MS B . 11.87 -13.98 -7.92
C3' NHE C . -2.51 -6.32 20.58
C2' NHE C . -3.67 -6.69 21.53
C1' NHE C . -3.34 -7.92 22.39
C6' NHE C . -2.93 -9.10 21.47
N NHE C . -4.49 -8.34 23.21
C1 NHE C . -5.11 -7.26 24.00
C2 NHE C . -5.00 -7.54 25.50
S NHE C . -3.65 -6.57 26.27
O1 NHE C . -2.34 -7.08 25.75
O2 NHE C . -3.70 -6.71 27.77
O3 NHE C . -3.79 -5.13 25.91
C5' NHE C . -1.82 -8.75 20.46
C4' NHE C . -2.14 -7.48 19.65
MG MG D . 2.27 -8.73 -18.07
O1A TDM E . 1.42 -9.27 -16.26
PA TDM E . 1.73 -9.13 -14.81
O2A TDM E . 0.42 -8.72 -14.01
O3A TDM E . 2.80 -7.96 -14.49
PB TDM E . 4.17 -7.72 -15.31
O2B TDM E . 4.39 -6.29 -15.62
O3B TDM E . 5.36 -8.35 -14.43
O1B TDM E . 4.13 -8.63 -16.65
O7 TDM E . 2.25 -10.48 -14.11
C7 TDM E . 2.80 -10.50 -12.80
C6 TDM E . 3.93 -11.53 -12.76
C5 TDM E . 4.31 -11.99 -11.36
S1 TDM E . 5.38 -11.06 -10.39
C2 TDM E . 5.39 -12.11 -9.04
C27 TDM E . 6.08 -11.92 -7.91
C29 TDM E . 6.98 -10.69 -7.74
O28 TDM E . 5.99 -12.93 -6.76
N3 TDM E . 4.44 -13.27 -9.41
C4 TDM E . 3.91 -13.14 -10.65
CM4 TDM E . 2.94 -14.16 -11.25
C7' TDM E . 4.13 -14.39 -8.49
C5' TDM E . 2.72 -14.14 -7.89
C4' TDM E . 2.32 -13.01 -7.16
N4' TDM E . 3.16 -12.01 -6.91
N3' TDM E . 1.06 -12.91 -6.71
C2' TDM E . 0.16 -13.88 -6.93
CM2 TDM E . -1.26 -13.74 -6.40
N1' TDM E . 0.52 -14.98 -7.63
C6' TDM E . 1.75 -15.13 -8.10
PA FAB F . 6.86 -0.66 5.71
O1A FAB F . 6.29 0.56 5.09
O2A FAB F . 6.35 -2.01 5.32
O5B FAB F . 6.71 -0.51 7.29
C5B FAB F . 6.94 0.76 7.89
C4B FAB F . 7.80 0.67 9.14
O4B FAB F . 7.59 1.94 9.78
C3B FAB F . 7.31 -0.41 10.12
O3B FAB F . 8.46 -0.99 10.78
C2B FAB F . 6.43 0.35 11.11
O2B FAB F . 6.55 -0.23 12.42
C1B FAB F . 7.07 1.74 11.12
N9A FAB F . 6.15 2.89 11.37
C8A FAB F . 4.89 3.00 10.95
N7A FAB F . 4.39 4.17 11.37
C5A FAB F . 5.35 4.80 12.04
C6A FAB F . 5.38 6.03 12.68
N6A FAB F . 4.27 6.77 12.74
N1A FAB F . 6.56 6.52 13.25
C2A FAB F . 7.84 5.76 13.22
N3A FAB F . 7.64 4.38 12.69
C4A FAB F . 6.47 3.98 12.03
N1 FAB F . 10.80 -2.04 -1.94
C2 FAB F . 11.89 -1.18 -2.12
O2 FAB F . 12.07 -0.25 -1.33
N3 FAB F . 12.79 -1.38 -3.18
C4 FAB F . 12.58 -2.44 -4.07
O4 FAB F . 13.37 -2.62 -5.00
C4X FAB F . 11.50 -3.30 -3.89
N5 FAB F . 11.28 -4.36 -4.78
C5X FAB F . 10.01 -4.95 -4.83
C6 FAB F . 9.65 -5.73 -5.93
C7 FAB F . 8.39 -6.30 -5.99
C7M FAB F . 8.04 -7.14 -7.21
C8 FAB F . 7.48 -6.12 -4.94
C8M FAB F . 6.07 -6.72 -4.94
C9 FAB F . 7.85 -5.34 -3.84
C9A FAB F . 9.12 -4.77 -3.78
N10 FAB F . 9.49 -3.96 -2.69
C10 FAB F . 10.60 -3.11 -2.83
C1' FAB F . 8.66 -3.96 -1.46
C2D FAB F . 9.38 -4.44 -0.21
O2' FAB F . 9.29 -5.86 -0.11
C3D FAB F . 8.75 -3.83 1.03
O3D FAB F . 7.34 -3.71 0.84
C4D FAB F . 9.31 -2.45 1.38
O4' FAB F . 10.71 -2.41 1.14
C5D FAB F . 9.07 -2.13 2.85
O5' FAB F . 8.81 -0.74 3.04
P FAB F . 9.31 -0.01 4.40
O1P FAB F . 10.71 -0.41 4.66
O2P FAB F . 8.92 1.41 4.29
O3P FAB F . 8.46 -0.72 5.56
#